data_8WC7
#
_entry.id   8WC7
#
loop_
_entity.id
_entity.type
_entity.pdbx_description
1 polymer 'Guanine nucleotide-binding protein G(s) subunit alpha isoforms short'
2 polymer 'Guanine nucleotide-binding protein G(I)/G(S)/G(T) subunit beta-1'
3 polymer 'Trace amine-associated receptor 1'
4 polymer scFv16
5 polymer 'Guanine nucleotide-binding protein G(I)/G(S)/G(O) subunit gamma-2'
6 non-polymer 2-[4-(3-fluorophenyl)phenyl]ethanamine
#
loop_
_entity_poly.entity_id
_entity_poly.type
_entity_poly.pdbx_seq_one_letter_code
_entity_poly.pdbx_strand_id
1 'polypeptide(L)'
;MMGCTLSAEDKAAVERSKMIEKQLQKDKQVYRATHRLLLLGADNSGKSTIVKQMRIYHVNGYSEEECKQYKAVVYSNTIQ
SIIAIIRAMGRLKIDFGDSARADDARQLFVLAGAAEEGFMTAELAGVIKRLWKDSGVQACFNRSREYQLNDSAAYYLNDL
DRIAQPNYIPTQQDVLRTRVKTSGIFETKFQVDKVNFHMFDVGAQRDERRKWIQCFNDVTAIIFVVDSSDYNRLQEALND
FKSIWNNRWLRTISVILFLNKQDLLAEKVLAGKSKIEDYFPEFARYTTPEDATPEPGEDPRVTRAKYFIRDEFLRISTAS
GDGRHYCYPHFTCSVDTENARRIFNDCRDIIQRMHLRQYELL
;
A
2 'polypeptide(L)'
;MGSLLQSELDQLRQEAEQLKNQIRDARKACADATLSQITNNIDPVGRIQMRTRRTLRGHLAKIYAMHWGTDSRLLVSASQ
DGKLIIWDSYTTNKVHAIPLRSSWVMTCAYAPSGNYVACGGLDNICSIYNLKTREGNVRVSRELAGHTGYLSCCRFLDDN
QIVTSSGDTTCALWDIETGQQTTTFTGHTGDVMSLSLAPDTRLFVSGACDASAKLWDVREGMCRQTFTGHESDINAICFF
PNGNAFATGSDDATCRLFDLRADQELMTYSHDNIICGITSVSFSKSGRLLLAGYDDFNCNVWDALKADRAGVLAGHDNRV
SCLGVTDDGMAVATGSWDSFLKIWN
;
B
3 'polypeptide(L)'
;MHLCHAITNISHRNSDWSREVQASLYSLMSLIILATLVGNLIVIISISHFKQLHTPTNWLLHSMAIVDFLLGCLIMPCSM
VRTVERCWYFGEILCKVHTSTDIMLSSASIFHLAFISIDRYCAVCDPLRYKAKINISTILVMILVSWSLPAVYAFGMIFL
ELNLKGVEELYRSQVSDLGGCSPFFSKVSGVLAFMTSFYIPGSVMLFVYYRIYFIAKGQARSINRTNVQVGLEGKSQAPQ
SKETKAAKTLGIMVGVFLVCWCPFFLCTVLDPFLGYVIPPSLNDALYWFGYLNSALNPMVYAFFYPWFRRALKMVLLGKI
FQKDSSRSKLFL
;
R
4 'polypeptide(L)'
;MLLVNQSHQGFNKEHTSKMVSAIVLYVLLAAAAHSAFAVQLVESGGGLVQPGGSRKLSCSASGFAFSSFGMHWVRQAPEK
GLEWVAYISSGSGTIYYADTVKGRFTISRDDPKNTLFLQMTSLRSEDTAMYYCVRSIYYYGSSPFDFWGQGTTLTVSAGG
GGSGGGGSGGGGSADIVMTQATSSVPVTPGESVSISCRSSKSLLHSNGNTYLYWFLQRPGQSPQLLIYRMSNLASGVPDR
FSGSGSGTAFTLTISRLEAEDVGVYYCMQHLEYPLTFGAGTKLEL
;
S
5 'polypeptide(L)' MASNNTASIAQARKLVEQLKMEANIDRIKVSKAAADLMAYCEAHAKEDPLLTPVPASENPFREKKFFCAIL Y
#
# COMPACT_ATOMS: atom_id res chain seq x y z
N THR A 5 -2.87 17.12 -17.43
CA THR A 5 -2.39 18.25 -16.64
C THR A 5 -2.11 19.44 -17.54
N LEU A 6 -3.17 20.14 -17.94
CA LEU A 6 -3.05 21.28 -18.84
C LEU A 6 -3.25 22.61 -18.13
N SER A 7 -3.36 22.62 -16.81
CA SER A 7 -3.55 23.84 -16.05
C SER A 7 -2.48 23.95 -14.97
N ALA A 8 -2.22 25.19 -14.54
CA ALA A 8 -1.18 25.43 -13.54
C ALA A 8 -1.54 24.80 -12.20
N GLU A 9 -2.81 24.90 -11.80
CA GLU A 9 -3.23 24.31 -10.54
C GLU A 9 -3.08 22.80 -10.56
N ASP A 10 -3.34 22.17 -11.70
CA ASP A 10 -3.11 20.73 -11.81
C ASP A 10 -1.63 20.41 -11.70
N LYS A 11 -0.76 21.27 -12.23
CA LYS A 11 0.68 21.07 -12.08
C LYS A 11 1.08 21.11 -10.61
N ALA A 12 0.54 22.09 -9.87
CA ALA A 12 0.85 22.17 -8.44
C ALA A 12 0.33 20.94 -7.69
N ALA A 13 -0.85 20.45 -8.08
CA ALA A 13 -1.39 19.24 -7.47
C ALA A 13 -0.47 18.05 -7.72
N VAL A 14 0.03 17.90 -8.95
CA VAL A 14 0.91 16.79 -9.28
C VAL A 14 2.22 16.90 -8.51
N GLU A 15 2.74 18.13 -8.34
CA GLU A 15 3.95 18.31 -7.56
C GLU A 15 3.73 17.91 -6.09
N ARG A 16 2.58 18.27 -5.53
CA ARG A 16 2.26 17.86 -4.16
C ARG A 16 2.18 16.34 -4.05
N SER A 17 1.56 15.69 -5.03
CA SER A 17 1.50 14.23 -5.03
C SER A 17 2.89 13.63 -5.10
N LYS A 18 3.79 14.21 -5.91
CA LYS A 18 5.14 13.71 -6.01
C LYS A 18 5.88 13.83 -4.68
N MET A 19 5.70 14.94 -3.96
CA MET A 19 6.34 15.07 -2.65
C MET A 19 5.80 14.04 -1.67
N ILE A 20 4.49 13.79 -1.71
CA ILE A 20 3.91 12.73 -0.88
C ILE A 20 4.55 11.39 -1.21
N GLU A 21 4.76 11.11 -2.50
CA GLU A 21 5.39 9.85 -2.91
C GLU A 21 6.83 9.75 -2.40
N LYS A 22 7.56 10.86 -2.40
CA LYS A 22 8.91 10.85 -1.84
C LYS A 22 8.90 10.50 -0.36
N GLN A 23 7.97 11.10 0.39
CA GLN A 23 7.85 10.76 1.81
C GLN A 23 7.50 9.28 2.00
N LEU A 24 6.63 8.76 1.15
CA LEU A 24 6.26 7.35 1.23
C LEU A 24 7.46 6.45 0.93
N GLN A 25 8.31 6.85 -0.01
CA GLN A 25 9.52 6.09 -0.28
C GLN A 25 10.44 6.05 0.93
N LYS A 26 10.62 7.19 1.60
CA LYS A 26 11.41 7.20 2.83
C LYS A 26 10.80 6.27 3.88
N ASP A 27 9.48 6.30 4.02
CA ASP A 27 8.82 5.44 5.00
C ASP A 27 9.03 3.97 4.68
N LYS A 28 8.94 3.60 3.39
CA LYS A 28 9.17 2.21 3.01
C LYS A 28 10.59 1.77 3.30
N GLN A 29 11.57 2.64 3.02
CA GLN A 29 12.96 2.28 3.30
C GLN A 29 13.17 2.09 4.80
N VAL A 30 12.52 2.91 5.63
CA VAL A 30 12.63 2.70 7.08
C VAL A 30 11.93 1.41 7.50
N TYR A 31 10.80 1.10 6.87
CA TYR A 31 9.98 -0.03 7.29
C TYR A 31 10.64 -1.37 6.94
N ARG A 32 11.35 -1.44 5.82
CA ARG A 32 11.84 -2.73 5.35
C ARG A 32 12.96 -3.32 6.22
N ALA A 33 13.44 -2.60 7.23
CA ALA A 33 14.57 -3.05 8.04
C ALA A 33 14.17 -3.29 9.49
N THR A 34 12.99 -3.86 9.73
CA THR A 34 12.51 -4.12 11.08
C THR A 34 11.88 -5.50 11.14
N HIS A 35 11.95 -6.12 12.32
CA HIS A 35 11.41 -7.45 12.56
C HIS A 35 10.30 -7.38 13.59
N ARG A 36 9.17 -8.02 13.30
CA ARG A 36 8.00 -8.00 14.17
C ARG A 36 7.85 -9.33 14.90
N LEU A 37 7.58 -9.25 16.20
CA LEU A 37 7.40 -10.42 17.04
C LEU A 37 6.09 -10.31 17.81
N LEU A 38 5.44 -11.45 18.00
CA LEU A 38 4.18 -11.54 18.74
C LEU A 38 4.40 -12.36 20.01
N LEU A 39 4.01 -11.80 21.15
CA LEU A 39 4.23 -12.41 22.45
C LEU A 39 2.91 -12.92 23.01
N LEU A 40 2.89 -14.20 23.40
CA LEU A 40 1.71 -14.83 23.94
C LEU A 40 2.05 -15.54 25.25
N GLY A 41 1.04 -15.74 26.08
CA GLY A 41 1.26 -16.35 27.38
C GLY A 41 -0.03 -16.36 28.19
N ALA A 42 0.13 -16.59 29.49
CA ALA A 42 -1.00 -16.65 30.42
C ALA A 42 -0.76 -15.67 31.57
N ASP A 43 -1.68 -15.68 32.53
CA ASP A 43 -1.60 -14.73 33.64
C ASP A 43 -0.51 -15.13 34.63
N ASN A 44 -0.40 -16.41 34.96
CA ASN A 44 0.60 -16.84 35.93
C ASN A 44 2.00 -16.79 35.36
N SER A 45 2.14 -16.92 34.04
CA SER A 45 3.46 -16.85 33.41
C SER A 45 4.07 -15.47 33.58
N GLY A 46 5.40 -15.43 33.62
CA GLY A 46 6.10 -14.19 33.84
C GLY A 46 6.29 -13.36 32.58
N LYS A 47 5.39 -13.50 31.62
CA LYS A 47 5.49 -12.72 30.38
C LYS A 47 5.32 -11.24 30.64
N SER A 48 4.71 -10.85 31.76
CA SER A 48 4.60 -9.44 32.11
C SER A 48 5.93 -8.87 32.59
N THR A 49 6.68 -9.62 33.42
CA THR A 49 7.96 -9.15 33.91
C THR A 49 9.09 -9.36 32.93
N ILE A 50 8.92 -10.24 31.94
CA ILE A 50 9.94 -10.39 30.90
C ILE A 50 10.09 -9.08 30.13
N VAL A 51 8.98 -8.42 29.82
CA VAL A 51 9.02 -7.15 29.10
C VAL A 51 9.75 -6.10 29.92
N LYS A 52 9.46 -6.04 31.23
CA LYS A 52 10.11 -5.07 32.09
C LYS A 52 11.61 -5.34 32.19
N GLN A 53 11.98 -6.63 32.27
CA GLN A 53 13.40 -6.98 32.30
C GLN A 53 14.11 -6.57 31.02
N MET A 54 13.46 -6.80 29.87
CA MET A 54 14.04 -6.36 28.61
C MET A 54 14.16 -4.84 28.55
N ARG A 55 13.15 -4.14 29.06
CA ARG A 55 13.17 -2.67 29.08
C ARG A 55 14.18 -2.16 30.10
N LYS A 181 -8.46 3.09 31.54
CA LYS A 181 -7.42 2.90 30.53
C LYS A 181 -7.36 1.44 30.10
N THR A 182 -8.36 1.01 29.34
CA THR A 182 -8.47 -0.38 28.88
C THR A 182 -7.87 -0.50 27.47
N SER A 183 -6.55 -0.32 27.42
CA SER A 183 -5.83 -0.42 26.15
C SER A 183 -5.89 -1.86 25.65
N GLY A 184 -5.98 -2.00 24.32
CA GLY A 184 -6.15 -3.30 23.72
C GLY A 184 -4.88 -3.93 23.16
N ILE A 185 -3.78 -3.17 23.13
CA ILE A 185 -2.52 -3.69 22.61
C ILE A 185 -1.39 -2.86 23.19
N PHE A 186 -0.21 -3.46 23.26
CA PHE A 186 0.99 -2.81 23.76
C PHE A 186 2.10 -2.95 22.72
N GLU A 187 3.20 -2.25 22.95
CA GLU A 187 4.34 -2.31 22.06
C GLU A 187 5.62 -2.06 22.85
N THR A 188 6.65 -2.85 22.55
CA THR A 188 7.94 -2.74 23.20
C THR A 188 9.03 -2.79 22.14
N LYS A 189 10.03 -1.93 22.28
CA LYS A 189 11.12 -1.81 21.32
C LYS A 189 12.45 -2.10 22.01
N PHE A 190 13.27 -2.93 21.39
CA PHE A 190 14.61 -3.20 21.88
C PHE A 190 15.53 -3.43 20.70
N GLN A 191 16.82 -3.19 20.92
CA GLN A 191 17.83 -3.25 19.86
C GLN A 191 19.01 -4.10 20.33
N VAL A 192 19.49 -4.96 19.43
CA VAL A 192 20.68 -5.76 19.69
C VAL A 192 21.49 -5.85 18.39
N ASP A 193 22.80 -5.58 18.49
CA ASP A 193 23.70 -5.63 17.35
C ASP A 193 23.20 -4.78 16.18
N LYS A 194 22.70 -3.59 16.50
CA LYS A 194 22.20 -2.64 15.51
C LYS A 194 21.09 -3.24 14.64
N VAL A 195 20.18 -3.98 15.28
CA VAL A 195 19.01 -4.53 14.62
C VAL A 195 17.78 -4.14 15.44
N ASN A 196 16.70 -3.80 14.73
CA ASN A 196 15.48 -3.29 15.34
C ASN A 196 14.45 -4.40 15.45
N PHE A 197 13.88 -4.56 16.65
CA PHE A 197 12.87 -5.57 16.93
C PHE A 197 11.64 -4.91 17.52
N HIS A 198 10.47 -5.38 17.12
CA HIS A 198 9.19 -4.87 17.62
C HIS A 198 8.39 -6.04 18.20
N MET A 199 8.02 -5.93 19.46
CA MET A 199 7.28 -6.97 20.16
C MET A 199 5.91 -6.44 20.54
N PHE A 200 4.86 -7.16 20.15
CA PHE A 200 3.48 -6.76 20.38
C PHE A 200 2.84 -7.68 21.40
N ASP A 201 2.37 -7.09 22.51
CA ASP A 201 1.68 -7.83 23.56
C ASP A 201 0.19 -7.49 23.47
N VAL A 202 -0.65 -8.51 23.31
CA VAL A 202 -2.09 -8.33 23.20
C VAL A 202 -2.66 -8.12 24.60
N GLY A 203 -3.39 -7.03 24.78
CA GLY A 203 -3.85 -6.63 26.10
C GLY A 203 -5.26 -7.04 26.45
N ALA A 204 -6.17 -6.06 26.55
CA ALA A 204 -7.51 -6.29 27.07
C ALA A 204 -8.41 -6.87 25.98
N GLN A 205 -8.25 -8.17 25.74
CA GLN A 205 -9.12 -8.93 24.87
C GLN A 205 -9.59 -10.18 25.62
N ARG A 206 -10.80 -10.63 25.28
CA ARG A 206 -11.45 -11.70 26.03
C ARG A 206 -10.90 -13.06 25.62
N ASP A 207 -11.60 -14.11 26.05
CA ASP A 207 -11.05 -15.46 26.15
C ASP A 207 -10.55 -16.06 24.84
N GLU A 208 -11.31 -15.95 23.76
CA GLU A 208 -10.99 -16.66 22.53
C GLU A 208 -10.39 -15.70 21.51
N ARG A 209 -9.51 -16.25 20.66
CA ARG A 209 -8.65 -15.44 19.80
C ARG A 209 -8.70 -15.87 18.34
N ARG A 210 -9.73 -16.61 17.91
CA ARG A 210 -9.68 -17.17 16.56
C ARG A 210 -9.91 -16.11 15.48
N LYS A 211 -10.27 -14.88 15.84
CA LYS A 211 -10.59 -13.86 14.86
C LYS A 211 -9.43 -12.90 14.59
N TRP A 212 -8.78 -12.39 15.62
CA TRP A 212 -7.72 -11.41 15.43
C TRP A 212 -6.35 -12.05 15.23
N ILE A 213 -6.28 -13.38 15.17
CA ILE A 213 -4.99 -14.05 14.94
C ILE A 213 -4.57 -14.02 13.49
N GLN A 214 -5.47 -13.66 12.57
CA GLN A 214 -5.12 -13.59 11.16
C GLN A 214 -4.23 -12.40 10.84
N CYS A 215 -4.28 -11.35 11.66
CA CYS A 215 -3.50 -10.15 11.41
C CYS A 215 -2.01 -10.35 11.66
N PHE A 216 -1.60 -11.47 12.25
CA PHE A 216 -0.22 -11.70 12.63
C PHE A 216 0.43 -12.85 11.86
N ASN A 217 -0.03 -13.10 10.63
CA ASN A 217 0.48 -14.21 9.83
C ASN A 217 1.68 -13.80 8.97
N ASP A 218 2.40 -12.74 9.37
CA ASP A 218 3.58 -12.32 8.63
C ASP A 218 4.74 -11.95 9.56
N VAL A 219 4.64 -12.21 10.86
CA VAL A 219 5.68 -11.87 11.81
C VAL A 219 6.83 -12.84 11.68
N THR A 220 7.99 -12.50 12.26
CA THR A 220 9.15 -13.38 12.18
C THR A 220 8.96 -14.62 13.03
N ALA A 221 8.50 -14.47 14.26
CA ALA A 221 8.37 -15.59 15.18
C ALA A 221 7.35 -15.25 16.25
N ILE A 222 6.96 -16.28 17.01
CA ILE A 222 6.03 -16.15 18.13
C ILE A 222 6.74 -16.62 19.38
N ILE A 223 6.64 -15.84 20.45
CA ILE A 223 7.21 -16.18 21.74
C ILE A 223 6.11 -16.71 22.64
N PHE A 224 6.34 -17.87 23.24
CA PHE A 224 5.39 -18.51 24.14
C PHE A 224 6.05 -18.66 25.51
N VAL A 225 5.33 -18.26 26.56
CA VAL A 225 5.84 -18.31 27.93
C VAL A 225 4.94 -19.21 28.75
N VAL A 226 5.54 -20.18 29.44
CA VAL A 226 4.83 -21.16 30.23
C VAL A 226 5.37 -21.14 31.65
N ASP A 227 4.48 -21.13 32.63
CA ASP A 227 4.86 -21.22 34.04
C ASP A 227 4.85 -22.69 34.44
N SER A 228 6.03 -23.29 34.53
CA SER A 228 6.17 -24.69 34.89
C SER A 228 6.41 -24.89 36.38
N SER A 229 5.54 -24.31 37.21
CA SER A 229 5.68 -24.42 38.65
C SER A 229 4.33 -24.64 39.34
N ASP A 230 3.40 -25.29 38.67
CA ASP A 230 2.06 -25.45 39.23
C ASP A 230 1.58 -26.90 39.27
N TYR A 231 1.94 -27.71 38.28
CA TYR A 231 1.61 -29.13 38.19
C TYR A 231 0.12 -29.37 37.95
N ASN A 232 -0.69 -28.31 37.90
CA ASN A 232 -2.13 -28.44 37.72
C ASN A 232 -2.64 -27.80 36.45
N ARG A 233 -2.27 -26.55 36.18
CA ARG A 233 -2.71 -25.85 34.98
C ARG A 233 -1.81 -26.12 33.78
N LEU A 234 -0.80 -26.99 33.93
CA LEU A 234 0.07 -27.29 32.79
C LEU A 234 -0.69 -27.99 31.67
N GLN A 235 -1.76 -28.71 31.99
CA GLN A 235 -2.57 -29.30 30.94
C GLN A 235 -3.24 -28.22 30.10
N GLU A 236 -3.70 -27.14 30.73
CA GLU A 236 -4.26 -26.02 29.99
C GLU A 236 -3.22 -25.37 29.09
N ALA A 237 -2.00 -25.20 29.59
CA ALA A 237 -0.92 -24.65 28.76
C ALA A 237 -0.61 -25.56 27.59
N LEU A 238 -0.60 -26.88 27.82
CA LEU A 238 -0.37 -27.82 26.73
C LEU A 238 -1.47 -27.72 25.69
N ASN A 239 -2.73 -27.60 26.12
CA ASN A 239 -3.82 -27.47 25.18
C ASN A 239 -3.71 -26.18 24.38
N ASP A 240 -3.33 -25.08 25.04
CA ASP A 240 -3.16 -23.81 24.34
C ASP A 240 -2.03 -23.89 23.31
N PHE A 241 -0.91 -24.53 23.68
CA PHE A 241 0.20 -24.70 22.75
C PHE A 241 -0.22 -25.55 21.56
N LYS A 242 -0.98 -26.61 21.81
CA LYS A 242 -1.46 -27.46 20.72
C LYS A 242 -2.39 -26.68 19.79
N SER A 243 -3.26 -25.84 20.36
CA SER A 243 -4.17 -25.04 19.54
C SER A 243 -3.40 -24.04 18.69
N ILE A 244 -2.38 -23.40 19.26
CA ILE A 244 -1.62 -22.39 18.52
C ILE A 244 -0.80 -23.04 17.42
N TRP A 245 -0.11 -24.15 17.75
CA TRP A 245 0.81 -24.76 16.80
C TRP A 245 0.09 -25.32 15.57
N ASN A 246 -1.15 -25.78 15.73
CA ASN A 246 -1.88 -26.42 14.65
C ASN A 246 -2.83 -25.47 13.93
N ASN A 247 -2.74 -24.17 14.18
CA ASN A 247 -3.61 -23.21 13.51
C ASN A 247 -3.32 -23.15 12.03
N ARG A 248 -4.37 -22.88 11.24
CA ARG A 248 -4.20 -22.81 9.79
C ARG A 248 -3.50 -21.52 9.38
N TRP A 249 -3.87 -20.40 9.98
CA TRP A 249 -3.30 -19.11 9.61
C TRP A 249 -1.90 -18.89 10.18
N LEU A 250 -1.43 -19.77 11.07
CA LEU A 250 -0.12 -19.63 11.67
C LEU A 250 0.90 -20.58 11.07
N ARG A 251 0.60 -21.22 9.94
CA ARG A 251 1.58 -22.06 9.27
C ARG A 251 2.72 -21.21 8.75
N THR A 252 3.92 -21.80 8.75
CA THR A 252 5.17 -21.17 8.34
C THR A 252 5.65 -20.10 9.32
N ILE A 253 5.13 -20.09 10.55
CA ILE A 253 5.65 -19.25 11.63
C ILE A 253 6.21 -20.17 12.69
N SER A 254 7.48 -19.95 13.05
CA SER A 254 8.12 -20.74 14.08
C SER A 254 7.89 -20.11 15.45
N VAL A 255 7.95 -20.95 16.48
CA VAL A 255 7.66 -20.52 17.84
C VAL A 255 8.92 -20.67 18.69
N ILE A 256 9.15 -19.70 19.56
CA ILE A 256 10.22 -19.74 20.54
C ILE A 256 9.58 -20.04 21.90
N LEU A 257 9.92 -21.18 22.49
CA LEU A 257 9.26 -21.66 23.69
C LEU A 257 10.10 -21.30 24.91
N PHE A 258 9.51 -20.55 25.83
CA PHE A 258 10.16 -20.15 27.07
C PHE A 258 9.55 -20.91 28.23
N LEU A 259 10.41 -21.44 29.09
CA LEU A 259 9.98 -22.14 30.31
C LEU A 259 10.48 -21.31 31.49
N ASN A 260 9.57 -20.59 32.13
CA ASN A 260 9.91 -19.56 33.11
C ASN A 260 9.77 -20.09 34.53
N LYS A 261 10.36 -19.33 35.46
CA LYS A 261 10.28 -19.61 36.90
C LYS A 261 10.83 -21.01 37.22
N GLN A 262 12.12 -21.19 36.92
CA GLN A 262 12.77 -22.48 37.17
C GLN A 262 13.12 -22.66 38.64
N ASP A 263 13.44 -21.58 39.35
CA ASP A 263 13.80 -21.70 40.76
C ASP A 263 12.63 -22.20 41.60
N LEU A 264 11.40 -21.81 41.26
CA LEU A 264 10.24 -22.33 41.95
C LEU A 264 10.13 -23.84 41.75
N LEU A 265 10.35 -24.32 40.52
CA LEU A 265 10.35 -25.75 40.26
C LEU A 265 11.43 -26.45 41.07
N ALA A 266 12.62 -25.85 41.15
CA ALA A 266 13.71 -26.46 41.90
C ALA A 266 13.37 -26.54 43.39
N GLU A 267 12.73 -25.51 43.94
CA GLU A 267 12.36 -25.53 45.34
C GLU A 267 11.17 -26.44 45.61
N LYS A 268 10.36 -26.72 44.59
CA LYS A 268 9.16 -27.52 44.80
C LYS A 268 9.38 -29.02 44.56
N VAL A 269 10.36 -29.39 43.73
CA VAL A 269 10.52 -30.81 43.40
C VAL A 269 10.99 -31.61 44.61
N LEU A 270 11.92 -31.06 45.40
CA LEU A 270 12.51 -31.85 46.48
C LEU A 270 11.58 -31.98 47.67
N ALA A 271 10.57 -31.11 47.77
CA ALA A 271 9.65 -31.17 48.91
C ALA A 271 8.85 -32.47 48.91
N GLY A 272 8.44 -32.92 47.72
CA GLY A 272 7.70 -34.18 47.62
C GLY A 272 6.33 -34.11 48.25
N SER A 274 3.40 -33.09 46.14
CA SER A 274 3.63 -32.39 44.88
C SER A 274 4.20 -33.34 43.84
N LYS A 275 3.65 -34.55 43.75
CA LYS A 275 4.19 -35.52 42.82
C LYS A 275 3.61 -35.29 41.43
N ILE A 276 4.26 -35.89 40.43
CA ILE A 276 3.85 -35.74 39.04
C ILE A 276 3.27 -37.03 38.46
N GLU A 277 3.51 -38.18 39.09
CA GLU A 277 2.99 -39.43 38.57
C GLU A 277 1.46 -39.43 38.55
N ASP A 278 0.84 -38.86 39.59
CA ASP A 278 -0.62 -38.78 39.63
C ASP A 278 -1.16 -37.94 38.48
N TYR A 279 -0.52 -36.80 38.21
CA TYR A 279 -0.96 -35.96 37.10
C TYR A 279 -0.73 -36.65 35.75
N PHE A 280 0.45 -37.24 35.58
CA PHE A 280 0.81 -37.90 34.32
C PHE A 280 1.20 -39.35 34.58
N PRO A 281 0.38 -40.32 34.17
CA PRO A 281 0.69 -41.73 34.48
C PRO A 281 1.95 -42.24 33.80
N GLU A 282 2.44 -41.59 32.74
CA GLU A 282 3.61 -42.07 32.02
C GLU A 282 4.92 -41.62 32.64
N PHE A 283 4.87 -40.86 33.74
CA PHE A 283 6.11 -40.41 34.39
C PHE A 283 6.91 -41.56 34.98
N ALA A 284 6.27 -42.71 35.25
CA ALA A 284 6.99 -43.84 35.81
C ALA A 284 7.96 -44.46 34.81
N ARG A 285 7.59 -44.49 33.53
CA ARG A 285 8.39 -45.13 32.49
C ARG A 285 9.26 -44.14 31.73
N TYR A 286 9.73 -43.09 32.40
CA TYR A 286 10.56 -42.07 31.77
C TYR A 286 11.90 -41.96 32.49
N THR A 287 12.95 -41.79 31.70
CA THR A 287 14.30 -41.63 32.22
C THR A 287 14.99 -40.48 31.50
N THR A 288 16.02 -39.93 32.15
CA THR A 288 16.73 -38.79 31.58
C THR A 288 17.41 -39.19 30.27
N PRO A 289 17.24 -38.43 29.20
CA PRO A 289 17.88 -38.79 27.93
C PRO A 289 19.39 -38.69 28.01
N GLU A 290 20.07 -39.49 27.18
CA GLU A 290 21.53 -39.52 27.19
C GLU A 290 22.13 -38.23 26.67
N ASP A 291 21.49 -37.59 25.69
CA ASP A 291 22.02 -36.37 25.09
C ASP A 291 21.79 -35.13 25.95
N ALA A 292 21.06 -35.27 27.05
CA ALA A 292 20.83 -34.13 27.94
C ALA A 292 22.14 -33.65 28.54
N THR A 293 22.31 -32.33 28.63
CA THR A 293 23.51 -31.71 29.15
C THR A 293 23.12 -30.73 30.25
N PRO A 294 22.82 -31.23 31.46
CA PRO A 294 22.46 -30.36 32.58
C PRO A 294 23.65 -29.56 33.11
N ASP A 299 21.39 -32.42 41.09
CA ASP A 299 20.25 -33.21 41.51
C ASP A 299 19.55 -33.81 40.28
N PRO A 300 19.70 -35.13 40.08
CA PRO A 300 19.17 -35.76 38.87
C PRO A 300 17.66 -35.65 38.73
N ARG A 301 16.91 -35.66 39.83
CA ARG A 301 15.45 -35.66 39.73
C ARG A 301 14.91 -34.31 39.27
N VAL A 302 15.59 -33.22 39.62
CA VAL A 302 15.23 -31.91 39.08
C VAL A 302 15.34 -31.91 37.57
N THR A 303 16.45 -32.46 37.06
CA THR A 303 16.61 -32.58 35.62
C THR A 303 15.58 -33.52 35.02
N ARG A 304 15.22 -34.58 35.75
CA ARG A 304 14.18 -35.48 35.26
C ARG A 304 12.87 -34.74 35.05
N ALA A 305 12.46 -33.92 36.03
CA ALA A 305 11.23 -33.16 35.89
C ALA A 305 11.32 -32.15 34.75
N LYS A 306 12.43 -31.38 34.71
CA LYS A 306 12.61 -30.38 33.66
C LYS A 306 12.52 -31.00 32.28
N TYR A 307 13.27 -32.06 32.05
CA TYR A 307 13.29 -32.70 30.74
C TYR A 307 12.01 -33.46 30.45
N PHE A 308 11.27 -33.89 31.46
CA PHE A 308 9.95 -34.46 31.22
C PHE A 308 9.00 -33.42 30.66
N ILE A 309 8.98 -32.23 31.27
CA ILE A 309 8.13 -31.15 30.76
C ILE A 309 8.58 -30.76 29.35
N ARG A 310 9.90 -30.62 29.16
CA ARG A 310 10.42 -30.24 27.86
C ARG A 310 10.07 -31.27 26.80
N ASP A 311 10.13 -32.56 27.14
CA ASP A 311 9.81 -33.61 26.18
C ASP A 311 8.31 -33.64 25.88
N GLU A 312 7.46 -33.32 26.85
CA GLU A 312 6.04 -33.18 26.54
C GLU A 312 5.83 -32.08 25.50
N PHE A 313 6.43 -30.92 25.72
CA PHE A 313 6.26 -29.83 24.77
C PHE A 313 6.82 -30.21 23.39
N LEU A 314 7.99 -30.86 23.36
CA LEU A 314 8.58 -31.21 22.08
C LEU A 314 7.85 -32.34 21.37
N ARG A 315 7.22 -33.27 22.10
CA ARG A 315 6.43 -34.28 21.41
C ARG A 315 5.18 -33.65 20.81
N ILE A 316 4.59 -32.67 21.50
CA ILE A 316 3.50 -31.91 20.88
C ILE A 316 3.99 -31.22 19.62
N SER A 317 5.17 -30.60 19.68
CA SER A 317 5.69 -29.88 18.52
C SER A 317 5.99 -30.82 17.37
N THR A 318 6.57 -31.99 17.64
CA THR A 318 6.99 -32.93 16.61
C THR A 318 5.86 -33.82 16.13
N ALA A 319 4.69 -33.78 16.76
CA ALA A 319 3.55 -34.53 16.23
C ALA A 319 3.18 -34.10 14.81
N SER A 320 3.56 -32.90 14.41
CA SER A 320 3.31 -32.41 13.06
C SER A 320 4.37 -31.37 12.72
N GLY A 321 4.15 -30.63 11.62
CA GLY A 321 5.02 -29.55 11.20
C GLY A 321 5.58 -29.71 9.80
N ASP A 322 5.86 -30.92 9.35
CA ASP A 322 6.40 -31.14 7.99
C ASP A 322 7.58 -30.30 7.62
N GLY A 323 8.38 -29.91 8.60
CA GLY A 323 9.56 -29.13 8.26
C GLY A 323 9.31 -27.78 7.65
N ARG A 324 8.25 -27.08 8.09
CA ARG A 324 8.01 -25.72 7.65
C ARG A 324 8.05 -24.69 8.77
N HIS A 325 7.96 -25.13 10.03
CA HIS A 325 8.23 -24.26 11.18
C HIS A 325 8.76 -25.14 12.30
N TYR A 326 9.54 -24.52 13.19
CA TYR A 326 10.32 -25.24 14.19
C TYR A 326 10.02 -24.67 15.58
N CYS A 327 10.59 -25.30 16.60
CA CYS A 327 10.44 -24.89 17.99
C CYS A 327 11.81 -24.81 18.64
N TYR A 328 12.02 -23.78 19.45
CA TYR A 328 13.31 -23.50 20.08
C TYR A 328 13.11 -23.35 21.59
N PRO A 329 13.11 -24.45 22.33
CA PRO A 329 12.86 -24.37 23.78
C PRO A 329 14.04 -23.75 24.53
N HIS A 330 13.74 -23.25 25.72
CA HIS A 330 14.75 -22.63 26.58
C HIS A 330 14.37 -22.85 28.03
N PHE A 331 15.36 -22.70 28.91
CA PHE A 331 15.17 -22.80 30.35
C PHE A 331 15.45 -21.40 30.93
N THR A 332 14.41 -20.58 30.99
CA THR A 332 14.53 -19.20 31.42
C THR A 332 14.21 -19.08 32.91
N CYS A 333 14.99 -18.26 33.61
CA CYS A 333 14.80 -18.00 35.02
C CYS A 333 14.28 -16.58 35.22
N SER A 334 14.06 -16.14 36.46
CA SER A 334 13.58 -14.78 36.75
C SER A 334 14.01 -13.72 35.74
N ASP A 336 16.95 -13.50 34.26
CA ASP A 336 18.03 -13.59 33.29
C ASP A 336 18.24 -12.26 32.58
N THR A 337 19.27 -12.21 31.73
CA THR A 337 19.57 -10.99 30.98
C THR A 337 19.90 -11.31 29.52
N GLU A 338 19.99 -12.58 29.16
CA GLU A 338 20.40 -13.00 27.83
C GLU A 338 19.22 -13.42 26.96
N ASN A 339 17.99 -13.07 27.37
CA ASN A 339 16.83 -13.42 26.56
C ASN A 339 16.86 -12.73 25.19
N ALA A 340 17.31 -11.48 25.16
CA ALA A 340 17.42 -10.77 23.89
C ALA A 340 18.40 -11.45 22.96
N ARG A 341 19.54 -11.91 23.49
CA ARG A 341 20.52 -12.62 22.67
C ARG A 341 19.95 -13.92 22.13
N ARG A 342 19.20 -14.65 22.96
CA ARG A 342 18.57 -15.89 22.50
C ARG A 342 17.57 -15.61 21.38
N ILE A 343 16.77 -14.55 21.53
CA ILE A 343 15.82 -14.18 20.48
C ILE A 343 16.56 -13.81 19.20
N PHE A 344 17.65 -13.07 19.32
CA PHE A 344 18.46 -12.70 18.16
C PHE A 344 18.97 -13.93 17.43
N ASN A 345 19.55 -14.87 18.18
CA ASN A 345 20.11 -16.08 17.57
C ASN A 345 19.02 -16.91 16.91
N ASP A 346 17.88 -17.08 17.59
CA ASP A 346 16.80 -17.89 17.03
C ASP A 346 16.25 -17.25 15.76
N CYS A 347 16.07 -15.93 15.75
CA CYS A 347 15.59 -15.25 14.56
C CYS A 347 16.57 -15.39 13.41
N ARG A 348 17.87 -15.25 13.69
CA ARG A 348 18.88 -15.42 12.66
C ARG A 348 18.83 -16.82 12.06
N ASP A 349 18.72 -17.83 12.92
CA ASP A 349 18.63 -19.21 12.43
C ASP A 349 17.38 -19.43 11.58
N ILE A 350 16.25 -18.86 12.01
CA ILE A 350 14.99 -19.02 11.27
C ILE A 350 15.11 -18.40 9.89
N ILE A 351 15.64 -17.17 9.82
CA ILE A 351 15.75 -16.50 8.53
C ILE A 351 16.74 -17.23 7.62
N GLN A 352 17.85 -17.71 8.19
CA GLN A 352 18.82 -18.46 7.39
C GLN A 352 18.19 -19.73 6.82
N ARG A 353 17.42 -20.45 7.63
CA ARG A 353 16.76 -21.66 7.14
C ARG A 353 15.75 -21.33 6.05
N MET A 354 15.00 -20.24 6.22
CA MET A 354 14.03 -19.85 5.20
C MET A 354 14.72 -19.54 3.87
N HIS A 355 15.81 -18.76 3.92
CA HIS A 355 16.52 -18.42 2.69
C HIS A 355 17.13 -19.66 2.05
N LEU A 356 17.69 -20.56 2.86
CA LEU A 356 18.24 -21.80 2.31
C LEU A 356 17.15 -22.63 1.63
N ARG A 357 15.97 -22.71 2.25
CA ARG A 357 14.88 -23.46 1.64
C ARG A 357 14.42 -22.80 0.34
N GLN A 358 14.49 -21.47 0.25
CA GLN A 358 14.02 -20.79 -0.95
C GLN A 358 14.86 -21.14 -2.17
N TYR A 359 16.19 -21.23 -2.01
CA TYR A 359 17.11 -21.41 -3.12
C TYR A 359 17.42 -22.88 -3.41
N GLU A 360 16.57 -23.81 -2.94
CA GLU A 360 16.76 -25.24 -3.18
C GLU A 360 18.08 -25.75 -2.63
N LEU A 361 18.62 -25.08 -1.61
CA LEU A 361 19.83 -25.52 -0.94
C LEU A 361 19.55 -26.34 0.31
N LEU A 362 18.28 -26.59 0.61
CA LEU A 362 17.88 -27.33 1.80
C LEU A 362 16.52 -27.98 1.62
N LEU B 9 -35.99 -22.94 36.95
CA LEU B 9 -34.96 -23.02 35.92
C LEU B 9 -35.47 -23.73 34.67
N ASP B 10 -36.13 -24.87 34.88
CA ASP B 10 -36.67 -25.67 33.79
C ASP B 10 -38.00 -25.13 33.27
N GLN B 11 -38.60 -24.16 33.97
CA GLN B 11 -39.85 -23.56 33.52
C GLN B 11 -39.62 -22.46 32.48
N LEU B 12 -38.61 -21.63 32.69
CA LEU B 12 -38.29 -20.59 31.71
C LEU B 12 -37.84 -21.19 30.39
N ARG B 13 -37.07 -22.27 30.44
CA ARG B 13 -36.61 -22.93 29.22
C ARG B 13 -37.77 -23.46 28.39
N GLN B 14 -38.77 -24.07 29.06
CA GLN B 14 -39.93 -24.58 28.36
C GLN B 14 -40.72 -23.45 27.70
N GLU B 15 -40.89 -22.33 28.41
CA GLU B 15 -41.59 -21.19 27.84
C GLU B 15 -40.83 -20.63 26.64
N ALA B 16 -39.51 -20.53 26.74
CA ALA B 16 -38.71 -20.03 25.63
C ALA B 16 -38.81 -20.95 24.42
N GLU B 17 -38.75 -22.28 24.65
CA GLU B 17 -38.88 -23.22 23.55
C GLU B 17 -40.25 -23.13 22.90
N GLN B 18 -41.31 -23.00 23.71
CA GLN B 18 -42.65 -22.86 23.16
C GLN B 18 -42.78 -21.59 22.34
N LEU B 19 -42.22 -20.49 22.83
CA LEU B 19 -42.27 -19.22 22.09
C LEU B 19 -41.50 -19.34 20.77
N LYS B 20 -40.33 -19.98 20.79
CA LYS B 20 -39.56 -20.16 19.56
C LYS B 20 -40.32 -21.02 18.56
N ASN B 21 -40.94 -22.10 19.02
CA ASN B 21 -41.71 -22.95 18.12
C ASN B 21 -42.90 -22.19 17.54
N GLN B 22 -43.59 -21.39 18.37
CA GLN B 22 -44.72 -20.61 17.88
C GLN B 22 -44.26 -19.59 16.84
N ILE B 23 -43.13 -18.92 17.08
CA ILE B 23 -42.62 -17.94 16.12
C ILE B 23 -42.26 -18.63 14.81
N ARG B 24 -41.59 -19.79 14.88
CA ARG B 24 -41.22 -20.50 13.67
C ARG B 24 -42.44 -20.93 12.88
N ASP B 25 -43.47 -21.46 13.56
CA ASP B 25 -44.69 -21.87 12.87
C ASP B 25 -45.40 -20.66 12.26
N ALA B 26 -45.44 -19.54 12.99
CA ALA B 26 -46.10 -18.34 12.46
C ALA B 26 -45.39 -17.83 11.22
N ARG B 27 -44.07 -17.89 11.20
CA ARG B 27 -43.31 -17.44 10.04
C ARG B 27 -43.54 -18.36 8.92
N LYS B 28 -43.58 -19.65 9.21
CA LYS B 28 -43.78 -20.65 8.17
C LYS B 28 -45.19 -20.58 7.58
N ALA B 29 -46.15 -20.03 8.32
CA ALA B 29 -47.52 -19.92 7.81
C ALA B 29 -47.58 -19.03 6.58
N CYS B 30 -46.85 -17.91 6.60
CA CYS B 30 -46.85 -16.96 5.50
C CYS B 30 -45.81 -17.26 4.44
N ALA B 31 -45.30 -18.50 4.38
CA ALA B 31 -44.24 -18.83 3.44
C ALA B 31 -44.72 -18.69 1.99
N ASP B 32 -45.90 -19.23 1.69
CA ASP B 32 -46.48 -19.18 0.35
C ASP B 32 -45.51 -19.70 -0.70
N ALA B 33 -45.44 -19.02 -1.84
CA ALA B 33 -44.56 -19.43 -2.93
C ALA B 33 -43.15 -18.88 -2.73
N THR B 34 -42.24 -19.30 -3.59
CA THR B 34 -40.84 -18.92 -3.54
C THR B 34 -40.55 -17.81 -4.54
N LEU B 35 -39.40 -17.15 -4.32
CA LEU B 35 -38.98 -16.08 -5.22
C LEU B 35 -38.59 -16.61 -6.59
N SER B 36 -37.97 -17.79 -6.63
CA SER B 36 -37.52 -18.36 -7.90
C SER B 36 -38.69 -18.65 -8.83
N GLN B 37 -39.81 -19.13 -8.27
CA GLN B 37 -40.99 -19.40 -9.09
C GLN B 37 -41.52 -18.13 -9.73
N ILE B 38 -41.55 -17.03 -8.97
CA ILE B 38 -42.08 -15.78 -9.48
C ILE B 38 -41.14 -15.18 -10.52
N THR B 39 -39.84 -15.20 -10.25
CA THR B 39 -38.89 -14.45 -11.06
C THR B 39 -38.44 -15.20 -12.31
N ASN B 40 -38.74 -16.49 -12.43
CA ASN B 40 -38.21 -17.27 -13.56
C ASN B 40 -38.70 -16.77 -14.91
N ASN B 41 -39.77 -15.96 -14.93
CA ASN B 41 -40.25 -15.43 -16.20
C ASN B 41 -39.30 -14.39 -16.79
N ILE B 42 -38.66 -13.61 -15.92
CA ILE B 42 -37.76 -12.55 -16.39
C ILE B 42 -36.52 -13.16 -17.02
N ASP B 43 -36.19 -12.71 -18.23
CA ASP B 43 -34.98 -13.16 -18.89
C ASP B 43 -33.75 -12.63 -18.16
N PRO B 44 -32.66 -13.39 -18.14
CA PRO B 44 -31.47 -12.95 -17.41
C PRO B 44 -30.83 -11.74 -18.06
N VAL B 45 -30.11 -10.97 -17.24
CA VAL B 45 -29.44 -9.77 -17.74
C VAL B 45 -28.35 -10.13 -18.74
N GLY B 46 -27.77 -11.32 -18.63
CA GLY B 46 -26.75 -11.75 -19.56
C GLY B 46 -25.38 -11.90 -18.95
N ARG B 47 -24.36 -11.39 -19.64
CA ARG B 47 -22.97 -11.51 -19.21
C ARG B 47 -22.32 -10.13 -19.20
N ILE B 48 -21.53 -9.86 -18.17
CA ILE B 48 -21.02 -8.53 -17.87
C ILE B 48 -19.50 -8.54 -17.93
N GLN B 49 -18.93 -7.58 -18.66
CA GLN B 49 -17.50 -7.32 -18.67
C GLN B 49 -17.20 -5.97 -18.05
N MET B 50 -16.28 -5.95 -17.10
CA MET B 50 -15.75 -4.71 -16.53
C MET B 50 -14.25 -4.67 -16.73
N ARG B 51 -13.75 -3.54 -17.23
CA ARG B 51 -12.34 -3.34 -17.50
C ARG B 51 -11.74 -2.44 -16.43
N THR B 52 -10.60 -2.85 -15.88
CA THR B 52 -9.89 -2.00 -14.93
C THR B 52 -9.45 -0.71 -15.63
N ARG B 53 -9.71 0.42 -14.97
CA ARG B 53 -9.41 1.73 -15.54
C ARG B 53 -8.27 2.45 -14.84
N ARG B 54 -8.16 2.32 -13.52
CA ARG B 54 -7.08 2.93 -12.77
C ARG B 54 -6.51 1.92 -11.80
N THR B 55 -5.25 2.10 -11.45
CA THR B 55 -4.60 1.30 -10.42
C THR B 55 -3.86 2.24 -9.49
N LEU B 56 -4.09 2.10 -8.18
CA LEU B 56 -3.59 3.03 -7.19
C LEU B 56 -2.50 2.35 -6.36
N ARG B 57 -1.28 2.89 -6.42
CA ARG B 57 -0.13 2.33 -5.75
C ARG B 57 0.39 3.29 -4.69
N GLY B 58 0.98 2.74 -3.64
CA GLY B 58 1.55 3.55 -2.59
C GLY B 58 1.41 2.99 -1.19
N HIS B 59 0.63 1.91 -1.04
CA HIS B 59 0.47 1.26 0.25
C HIS B 59 1.56 0.22 0.45
N LEU B 60 2.13 0.19 1.67
CA LEU B 60 3.21 -0.73 1.96
C LEU B 60 2.69 -2.14 2.26
N ALA B 61 1.89 -2.27 3.32
CA ALA B 61 1.36 -3.56 3.73
C ALA B 61 -0.01 -3.80 3.09
N LYS B 62 -0.71 -4.83 3.55
CA LYS B 62 -2.00 -5.19 2.98
C LYS B 62 -3.08 -4.20 3.37
N ILE B 63 -4.13 -4.14 2.56
CA ILE B 63 -5.21 -3.17 2.70
C ILE B 63 -6.39 -3.86 3.38
N TYR B 64 -6.97 -3.20 4.37
CA TYR B 64 -8.04 -3.77 5.18
C TYR B 64 -9.42 -3.16 4.92
N ALA B 65 -9.50 -1.86 4.65
CA ALA B 65 -10.80 -1.22 4.48
C ALA B 65 -10.67 -0.01 3.57
N MET B 66 -11.82 0.39 2.99
CA MET B 66 -11.91 1.60 2.19
C MET B 66 -13.35 2.08 2.20
N HIS B 67 -13.52 3.37 1.87
CA HIS B 67 -14.85 3.98 1.84
C HIS B 67 -14.88 5.08 0.80
N TRP B 68 -15.97 5.14 0.03
CA TRP B 68 -16.15 6.16 -0.99
C TRP B 68 -16.58 7.48 -0.37
N GLY B 69 -16.84 8.46 -1.23
CA GLY B 69 -17.35 9.75 -0.79
C GLY B 69 -18.64 10.11 -1.48
N THR B 70 -19.42 11.03 -0.89
CA THR B 70 -20.68 11.42 -1.50
C THR B 70 -20.49 12.23 -2.77
N ASP B 71 -19.33 12.89 -2.93
CA ASP B 71 -19.04 13.62 -4.15
C ASP B 71 -18.67 12.71 -5.31
N SER B 72 -18.52 11.40 -5.05
CA SER B 72 -18.27 10.39 -6.08
C SER B 72 -16.89 10.53 -6.73
N ARG B 73 -15.97 11.22 -6.09
CA ARG B 73 -14.64 11.39 -6.68
C ARG B 73 -13.52 10.99 -5.74
N LEU B 74 -13.65 11.24 -4.45
CA LEU B 74 -12.60 10.96 -3.47
C LEU B 74 -12.92 9.67 -2.71
N LEU B 75 -11.87 9.08 -2.14
CA LEU B 75 -12.03 7.89 -1.30
C LEU B 75 -10.85 7.80 -0.35
N VAL B 76 -11.03 7.00 0.70
CA VAL B 76 -10.02 6.81 1.73
C VAL B 76 -9.78 5.32 1.90
N SER B 77 -8.53 4.95 2.18
CA SER B 77 -8.15 3.56 2.38
C SER B 77 -7.19 3.45 3.56
N ALA B 78 -7.21 2.29 4.20
CA ALA B 78 -6.38 2.02 5.37
C ALA B 78 -5.51 0.80 5.12
N SER B 79 -4.35 0.76 5.79
CA SER B 79 -3.36 -0.27 5.56
C SER B 79 -2.77 -0.74 6.88
N GLN B 80 -2.17 -1.92 6.85
CA GLN B 80 -1.62 -2.54 8.05
C GLN B 80 -0.40 -1.81 8.59
N ASP B 81 0.31 -1.05 7.75
CA ASP B 81 1.47 -0.33 8.24
C ASP B 81 1.11 0.90 9.06
N GLY B 82 -0.17 1.26 9.12
CA GLY B 82 -0.60 2.43 9.89
C GLY B 82 -0.58 3.71 9.09
N LYS B 83 -1.28 3.72 7.95
CA LYS B 83 -1.32 4.87 7.07
C LYS B 83 -2.71 5.03 6.49
N LEU B 84 -3.18 6.27 6.44
CA LEU B 84 -4.43 6.63 5.78
C LEU B 84 -4.11 7.53 4.59
N ILE B 85 -4.65 7.18 3.43
CA ILE B 85 -4.39 7.92 2.19
C ILE B 85 -5.73 8.29 1.57
N ILE B 86 -5.90 9.56 1.21
CA ILE B 86 -7.08 10.04 0.52
C ILE B 86 -6.72 10.23 -0.95
N TRP B 87 -7.44 9.55 -1.83
CA TRP B 87 -7.13 9.53 -3.25
C TRP B 87 -8.06 10.44 -4.04
N ASP B 88 -7.61 10.81 -5.23
CA ASP B 88 -8.44 11.49 -6.23
C ASP B 88 -8.59 10.50 -7.38
N SER B 89 -9.75 9.85 -7.45
CA SER B 89 -9.94 8.72 -8.36
C SER B 89 -9.92 9.11 -9.83
N TYR B 90 -9.99 10.40 -10.16
CA TYR B 90 -9.97 10.80 -11.56
C TYR B 90 -8.55 10.90 -12.09
N THR B 91 -7.69 11.67 -11.41
CA THR B 91 -6.33 11.89 -11.86
C THR B 91 -5.31 11.05 -11.09
N THR B 92 -5.77 10.16 -10.21
CA THR B 92 -4.91 9.30 -9.38
C THR B 92 -3.93 10.09 -8.54
N ASN B 93 -4.24 11.33 -8.21
CA ASN B 93 -3.39 12.12 -7.34
C ASN B 93 -3.67 11.77 -5.87
N LYS B 94 -2.68 12.08 -5.03
CA LYS B 94 -2.82 11.89 -3.59
C LYS B 94 -3.09 13.23 -2.94
N VAL B 95 -4.18 13.32 -2.19
CA VAL B 95 -4.57 14.59 -1.56
C VAL B 95 -4.00 14.69 -0.15
N HIS B 96 -4.05 13.62 0.62
CA HIS B 96 -3.56 13.62 1.99
C HIS B 96 -2.91 12.27 2.30
N ALA B 97 -2.04 12.27 3.32
CA ALA B 97 -1.43 11.06 3.83
C ALA B 97 -1.27 11.22 5.34
N ILE B 98 -1.99 10.41 6.11
CA ILE B 98 -2.11 10.59 7.55
C ILE B 98 -1.44 9.40 8.23
N PRO B 99 -0.52 9.62 9.16
CA PRO B 99 0.05 8.50 9.92
C PRO B 99 -0.71 8.26 11.22
N LEU B 100 -0.90 6.98 11.54
CA LEU B 100 -1.70 6.57 12.68
C LEU B 100 -0.82 6.29 13.90
N ARG B 101 -1.45 6.33 15.08
CA ARG B 101 -0.75 6.02 16.32
C ARG B 101 -0.56 4.52 16.49
N SER B 102 -1.55 3.71 16.09
CA SER B 102 -1.48 2.26 16.16
C SER B 102 -1.64 1.69 14.77
N SER B 103 -0.81 0.69 14.44
CA SER B 103 -0.74 0.17 13.08
C SER B 103 -1.76 -0.92 12.79
N TRP B 104 -2.46 -1.44 13.79
CA TRP B 104 -3.41 -2.53 13.58
C TRP B 104 -4.81 -1.94 13.47
N VAL B 105 -5.14 -1.50 12.27
CA VAL B 105 -6.42 -0.84 11.97
C VAL B 105 -7.28 -1.78 11.14
N MET B 106 -8.57 -1.85 11.48
CA MET B 106 -9.47 -2.79 10.83
C MET B 106 -10.59 -2.14 10.03
N THR B 107 -10.82 -0.84 10.17
CA THR B 107 -11.93 -0.21 9.47
C THR B 107 -11.67 1.28 9.32
N CYS B 108 -12.41 1.90 8.40
CA CYS B 108 -12.34 3.34 8.18
C CYS B 108 -13.66 3.80 7.59
N ALA B 109 -14.00 5.06 7.86
CA ALA B 109 -15.23 5.66 7.36
C ALA B 109 -14.96 7.08 6.91
N TYR B 110 -15.79 7.57 6.01
CA TYR B 110 -15.64 8.89 5.40
C TYR B 110 -16.95 9.64 5.56
N ALA B 111 -16.89 10.85 6.12
CA ALA B 111 -18.09 11.54 6.55
C ALA B 111 -18.98 11.91 5.36
N PRO B 112 -20.30 11.94 5.56
CA PRO B 112 -21.20 12.34 4.46
C PRO B 112 -20.95 13.76 3.97
N SER B 113 -20.52 14.66 4.85
CA SER B 113 -20.25 16.05 4.46
C SER B 113 -18.82 16.26 4.00
N GLY B 114 -17.97 15.24 4.05
CA GLY B 114 -16.60 15.39 3.61
C GLY B 114 -15.72 16.19 4.54
N ASN B 115 -16.10 16.31 5.81
CA ASN B 115 -15.34 17.10 6.78
C ASN B 115 -14.50 16.27 7.72
N TYR B 116 -14.80 14.98 7.88
CA TYR B 116 -14.10 14.15 8.86
C TYR B 116 -13.88 12.75 8.29
N VAL B 117 -12.92 12.04 8.89
CA VAL B 117 -12.73 10.61 8.66
C VAL B 117 -12.55 9.94 10.01
N ALA B 118 -12.81 8.64 10.06
CA ALA B 118 -12.70 7.87 11.28
C ALA B 118 -12.02 6.54 11.00
N CYS B 119 -11.36 6.00 12.02
CA CYS B 119 -10.69 4.71 11.91
C CYS B 119 -10.50 4.13 13.31
N GLY B 120 -10.23 2.83 13.35
CA GLY B 120 -9.99 2.16 14.62
C GLY B 120 -9.58 0.72 14.39
N GLY B 121 -9.18 0.07 15.47
CA GLY B 121 -8.70 -1.30 15.38
C GLY B 121 -8.45 -1.96 16.73
N LEU B 122 -7.33 -2.69 16.82
CA LEU B 122 -7.01 -3.49 18.00
C LEU B 122 -6.65 -2.66 19.23
N ASP B 123 -6.73 -1.33 19.16
CA ASP B 123 -6.45 -0.48 20.30
C ASP B 123 -7.71 -0.11 21.07
N ASN B 124 -8.87 -0.65 20.68
CA ASN B 124 -10.16 -0.42 21.33
C ASN B 124 -10.57 1.06 21.32
N ILE B 125 -10.15 1.81 20.30
CA ILE B 125 -10.42 3.25 20.23
C ILE B 125 -10.88 3.59 18.82
N CYS B 126 -11.79 4.55 18.73
CA CYS B 126 -12.22 5.14 17.47
C CYS B 126 -11.75 6.59 17.43
N SER B 127 -11.04 6.96 16.38
CA SER B 127 -10.45 8.29 16.25
C SER B 127 -11.13 9.07 15.15
N ILE B 128 -11.25 10.38 15.36
CA ILE B 128 -11.88 11.30 14.43
C ILE B 128 -10.86 12.33 13.99
N TYR B 129 -10.72 12.51 12.67
CA TYR B 129 -9.75 13.43 12.10
C TYR B 129 -10.48 14.55 11.37
N ASN B 130 -9.98 15.78 11.54
CA ASN B 130 -10.59 16.96 10.94
C ASN B 130 -9.80 17.36 9.71
N LEU B 131 -10.44 17.30 8.54
CA LEU B 131 -9.78 17.58 7.27
C LEU B 131 -9.78 19.06 6.91
N LYS B 132 -10.62 19.87 7.55
CA LYS B 132 -10.79 21.29 7.19
C LYS B 132 -10.32 22.14 8.37
N THR B 133 -9.06 22.56 8.32
CA THR B 133 -8.48 23.41 9.35
C THR B 133 -7.85 24.64 8.73
N ARG B 134 -7.73 25.70 9.53
CA ARG B 134 -7.07 26.90 9.07
C ARG B 134 -5.60 26.64 8.76
N GLU B 135 -4.94 25.85 9.60
CA GLU B 135 -3.61 25.36 9.26
C GLU B 135 -3.72 24.28 8.19
N GLY B 136 -2.61 24.04 7.50
CA GLY B 136 -2.62 23.10 6.39
C GLY B 136 -2.24 21.69 6.76
N ASN B 137 -2.73 21.22 7.91
CA ASN B 137 -2.44 19.87 8.37
C ASN B 137 -3.71 19.22 8.90
N VAL B 138 -3.75 17.90 8.85
CA VAL B 138 -4.86 17.12 9.37
C VAL B 138 -4.51 16.64 10.77
N ARG B 139 -5.36 16.95 11.74
CA ARG B 139 -5.12 16.64 13.14
C ARG B 139 -6.31 15.87 13.71
N VAL B 140 -6.05 15.14 14.78
CA VAL B 140 -7.07 14.34 15.45
C VAL B 140 -7.86 15.23 16.40
N SER B 141 -9.18 15.10 16.39
CA SER B 141 -10.05 15.96 17.16
C SER B 141 -10.70 15.29 18.37
N ARG B 142 -10.99 13.99 18.30
CA ARG B 142 -11.67 13.33 19.40
C ARG B 142 -11.34 11.84 19.39
N GLU B 143 -11.06 11.30 20.57
CA GLU B 143 -10.83 9.87 20.77
C GLU B 143 -11.95 9.30 21.62
N LEU B 144 -12.59 8.25 21.13
CA LEU B 144 -13.75 7.65 21.77
C LEU B 144 -13.33 6.34 22.42
N ALA B 145 -13.26 6.33 23.75
CA ALA B 145 -12.84 5.16 24.51
C ALA B 145 -14.01 4.66 25.36
N GLY B 146 -13.97 3.37 25.68
CA GLY B 146 -15.02 2.76 26.48
C GLY B 146 -15.35 1.33 26.08
N HIS B 147 -14.97 0.93 24.87
CA HIS B 147 -15.15 -0.44 24.44
C HIS B 147 -14.10 -1.35 25.07
N THR B 148 -14.41 -2.64 25.11
CA THR B 148 -13.50 -3.64 25.66
C THR B 148 -12.80 -4.45 24.58
N GLY B 149 -13.53 -4.91 23.56
CA GLY B 149 -12.93 -5.64 22.47
C GLY B 149 -12.51 -4.72 21.33
N TYR B 150 -11.89 -5.35 20.33
CA TYR B 150 -11.38 -4.61 19.18
C TYR B 150 -12.53 -4.05 18.34
N LEU B 151 -12.26 -2.94 17.66
CA LEU B 151 -13.25 -2.32 16.78
C LEU B 151 -13.22 -2.97 15.41
N SER B 152 -14.40 -3.27 14.88
CA SER B 152 -14.51 -3.94 13.59
C SER B 152 -15.24 -3.16 12.53
N CYS B 153 -16.06 -2.17 12.90
CA CYS B 153 -16.76 -1.36 11.90
C CYS B 153 -17.21 -0.06 12.55
N CYS B 154 -17.53 0.93 11.71
CA CYS B 154 -18.02 2.21 12.16
C CYS B 154 -18.65 2.94 10.97
N ARG B 155 -19.69 3.72 11.25
CA ARG B 155 -20.40 4.45 10.21
C ARG B 155 -20.89 5.78 10.78
N PHE B 156 -20.89 6.81 9.93
CA PHE B 156 -21.30 8.14 10.34
C PHE B 156 -22.80 8.32 10.15
N LEU B 157 -23.45 8.95 11.14
CA LEU B 157 -24.83 9.39 10.99
C LEU B 157 -24.89 10.84 10.51
N ASP B 158 -24.22 11.73 11.21
CA ASP B 158 -24.03 13.12 10.79
C ASP B 158 -22.68 13.57 11.34
N ASP B 159 -22.45 14.88 11.35
CA ASP B 159 -21.18 15.40 11.84
C ASP B 159 -20.98 15.20 13.33
N ASN B 160 -22.02 14.80 14.07
CA ASN B 160 -21.93 14.68 15.52
C ASN B 160 -22.37 13.33 16.07
N GLN B 161 -22.68 12.36 15.23
CA GLN B 161 -23.12 11.05 15.70
C GLN B 161 -22.46 9.95 14.88
N ILE B 162 -22.02 8.89 15.56
CA ILE B 162 -21.35 7.77 14.92
C ILE B 162 -21.71 6.50 15.68
N VAL B 163 -21.88 5.40 14.95
CA VAL B 163 -22.20 4.09 15.52
C VAL B 163 -21.03 3.15 15.27
N THR B 164 -20.62 2.42 16.30
CA THR B 164 -19.45 1.56 16.24
C THR B 164 -19.81 0.11 16.57
N SER B 165 -19.08 -0.81 15.94
CA SER B 165 -19.19 -2.24 16.19
C SER B 165 -17.88 -2.73 16.79
N SER B 166 -17.96 -3.47 17.89
CA SER B 166 -16.79 -3.92 18.60
C SER B 166 -16.83 -5.43 18.76
N GLY B 167 -15.69 -5.98 19.22
CA GLY B 167 -15.54 -7.39 19.46
C GLY B 167 -15.93 -7.85 20.84
N ASP B 168 -16.48 -6.97 21.67
CA ASP B 168 -16.94 -7.33 23.01
C ASP B 168 -18.44 -7.62 23.03
N THR B 169 -18.99 -8.05 21.90
CA THR B 169 -20.35 -8.55 21.70
C THR B 169 -21.38 -7.40 21.69
N THR B 170 -20.99 -6.17 21.98
CA THR B 170 -21.94 -5.06 22.08
C THR B 170 -21.63 -3.99 21.05
N CYS B 171 -22.69 -3.33 20.57
CA CYS B 171 -22.59 -2.13 19.76
C CYS B 171 -22.81 -0.91 20.65
N ALA B 172 -22.71 0.29 20.06
CA ALA B 172 -22.86 1.51 20.83
C ALA B 172 -23.19 2.66 19.90
N LEU B 173 -23.71 3.74 20.50
CA LEU B 173 -23.95 4.99 19.81
C LEU B 173 -23.26 6.10 20.59
N TRP B 174 -22.54 6.97 19.89
CA TRP B 174 -21.67 7.94 20.52
C TRP B 174 -22.11 9.36 20.19
N ASP B 175 -21.72 10.29 21.06
CA ASP B 175 -21.90 11.72 20.86
C ASP B 175 -20.51 12.33 20.77
N ILE B 176 -20.11 12.71 19.55
CA ILE B 176 -18.73 13.13 19.32
C ILE B 176 -18.40 14.42 20.07
N GLU B 177 -19.40 15.29 20.25
CA GLU B 177 -19.14 16.57 20.92
C GLU B 177 -18.69 16.35 22.37
N THR B 178 -19.33 15.43 23.07
CA THR B 178 -18.96 15.12 24.45
C THR B 178 -18.08 13.90 24.59
N GLY B 179 -18.17 12.95 23.67
CA GLY B 179 -17.33 11.77 23.72
C GLY B 179 -17.84 10.66 24.62
N GLN B 180 -19.13 10.66 24.96
CA GLN B 180 -19.70 9.67 25.84
C GLN B 180 -20.82 8.92 25.14
N GLN B 181 -20.92 7.62 25.43
CA GLN B 181 -21.97 6.80 24.82
C GLN B 181 -23.34 7.28 25.27
N THR B 182 -24.30 7.24 24.35
CA THR B 182 -25.69 7.55 24.67
C THR B 182 -26.60 6.34 24.61
N THR B 183 -26.18 5.25 23.97
CA THR B 183 -26.97 4.03 23.90
C THR B 183 -26.03 2.86 23.72
N THR B 184 -26.39 1.72 24.30
CA THR B 184 -25.63 0.48 24.15
C THR B 184 -26.57 -0.62 23.71
N PHE B 185 -26.18 -1.36 22.67
CA PHE B 185 -27.03 -2.37 22.05
C PHE B 185 -26.47 -3.75 22.39
N THR B 186 -27.02 -4.36 23.44
CA THR B 186 -26.62 -5.68 23.90
C THR B 186 -27.63 -6.73 23.44
N GLY B 187 -27.18 -7.98 23.39
CA GLY B 187 -28.07 -9.07 23.01
C GLY B 187 -27.42 -10.15 22.18
N HIS B 188 -26.28 -9.85 21.56
CA HIS B 188 -25.58 -10.84 20.75
C HIS B 188 -24.90 -11.87 21.64
N THR B 189 -24.37 -12.92 21.02
CA THR B 189 -23.65 -13.97 21.71
C THR B 189 -22.14 -13.90 21.48
N GLY B 190 -21.71 -13.89 20.22
CA GLY B 190 -20.30 -13.76 19.90
C GLY B 190 -19.91 -12.32 19.64
N ASP B 191 -18.71 -12.14 19.09
CA ASP B 191 -18.24 -10.82 18.73
C ASP B 191 -18.84 -10.37 17.41
N VAL B 192 -19.14 -9.08 17.32
CA VAL B 192 -19.85 -8.50 16.18
C VAL B 192 -18.84 -8.09 15.13
N MET B 193 -19.17 -8.29 13.85
CA MET B 193 -18.23 -8.11 12.77
C MET B 193 -18.53 -6.94 11.85
N SER B 194 -19.81 -6.60 11.62
CA SER B 194 -20.13 -5.56 10.66
C SER B 194 -21.50 -4.97 10.98
N LEU B 195 -21.78 -3.82 10.37
CA LEU B 195 -23.07 -3.16 10.48
C LEU B 195 -23.35 -2.38 9.22
N SER B 196 -24.63 -2.06 9.00
CA SER B 196 -25.05 -1.33 7.81
C SER B 196 -26.18 -0.39 8.17
N LEU B 197 -25.98 0.91 7.94
CA LEU B 197 -27.02 1.90 8.20
C LEU B 197 -28.10 1.84 7.13
N ALA B 198 -29.21 2.54 7.40
CA ALA B 198 -30.34 2.64 6.48
C ALA B 198 -30.32 3.99 5.78
N PRO B 199 -30.93 4.08 4.59
CA PRO B 199 -30.96 5.38 3.88
C PRO B 199 -31.60 6.49 4.68
N ASP B 200 -32.62 6.19 5.49
CA ASP B 200 -33.25 7.19 6.33
C ASP B 200 -32.57 7.32 7.70
N THR B 201 -31.54 6.53 7.96
CA THR B 201 -30.75 6.59 9.20
C THR B 201 -31.64 6.47 10.44
N ARG B 202 -32.60 5.55 10.39
CA ARG B 202 -33.45 5.26 11.53
C ARG B 202 -33.26 3.86 12.09
N LEU B 203 -32.86 2.90 11.26
CA LEU B 203 -32.60 1.55 11.68
C LEU B 203 -31.25 1.10 11.12
N PHE B 204 -30.71 0.03 11.68
CA PHE B 204 -29.49 -0.55 11.14
C PHE B 204 -29.42 -2.02 11.52
N VAL B 205 -28.73 -2.80 10.70
CA VAL B 205 -28.60 -4.22 10.91
C VAL B 205 -27.19 -4.51 11.42
N SER B 206 -26.96 -5.75 11.87
CA SER B 206 -25.68 -6.10 12.46
C SER B 206 -25.51 -7.62 12.37
N GLY B 207 -24.26 -8.05 12.22
CA GLY B 207 -23.95 -9.46 12.13
C GLY B 207 -22.80 -9.82 13.04
N ALA B 208 -22.86 -11.03 13.59
CA ALA B 208 -21.88 -11.49 14.56
C ALA B 208 -21.54 -12.94 14.27
N CYS B 209 -20.54 -13.45 15.01
CA CYS B 209 -20.03 -14.80 14.80
C CYS B 209 -20.98 -15.89 15.27
N ASP B 210 -22.05 -15.54 15.99
CA ASP B 210 -23.03 -16.54 16.41
C ASP B 210 -24.02 -16.91 15.32
N ALA B 211 -23.71 -16.56 14.07
CA ALA B 211 -24.53 -16.93 12.91
C ALA B 211 -25.95 -16.38 13.02
N SER B 212 -26.09 -15.18 13.55
CA SER B 212 -27.38 -14.52 13.66
C SER B 212 -27.23 -13.03 13.36
N ALA B 213 -28.27 -12.46 12.77
CA ALA B 213 -28.32 -11.04 12.44
C ALA B 213 -29.52 -10.40 13.12
N LYS B 214 -29.34 -9.18 13.61
CA LYS B 214 -30.37 -8.48 14.36
C LYS B 214 -30.67 -7.13 13.73
N LEU B 215 -31.88 -6.63 14.01
CA LEU B 215 -32.33 -5.32 13.56
C LEU B 215 -32.53 -4.44 14.79
N TRP B 216 -31.94 -3.25 14.76
CA TRP B 216 -31.93 -2.36 15.92
C TRP B 216 -32.68 -1.07 15.61
N ASP B 217 -33.09 -0.39 16.68
CA ASP B 217 -33.74 0.91 16.60
C ASP B 217 -32.85 1.94 17.29
N VAL B 218 -32.46 2.98 16.54
CA VAL B 218 -31.52 3.96 17.09
C VAL B 218 -32.18 4.81 18.15
N ARG B 219 -33.44 5.19 17.93
CA ARG B 219 -34.10 6.14 18.82
C ARG B 219 -34.27 5.58 20.23
N GLU B 220 -34.73 4.34 20.34
CA GLU B 220 -35.09 3.77 21.63
C GLU B 220 -34.22 2.58 22.05
N GLY B 221 -33.32 2.13 21.18
CA GLY B 221 -32.22 1.28 21.59
C GLY B 221 -32.50 -0.12 22.11
N MET B 222 -33.35 -0.89 21.44
CA MET B 222 -33.47 -2.31 21.77
C MET B 222 -33.74 -3.09 20.49
N CYS B 223 -33.40 -4.38 20.52
CA CYS B 223 -33.49 -5.21 19.33
C CYS B 223 -34.95 -5.39 18.91
N ARG B 224 -35.20 -5.22 17.61
CA ARG B 224 -36.54 -5.33 17.06
C ARG B 224 -36.81 -6.65 16.37
N GLN B 225 -35.78 -7.31 15.82
CA GLN B 225 -35.99 -8.52 15.05
C GLN B 225 -34.70 -9.32 15.05
N THR B 226 -34.82 -10.61 14.74
CA THR B 226 -33.68 -11.51 14.70
C THR B 226 -33.83 -12.50 13.55
N PHE B 227 -32.75 -12.73 12.81
CA PHE B 227 -32.75 -13.60 11.66
C PHE B 227 -31.68 -14.67 11.82
N THR B 228 -31.99 -15.88 11.37
CA THR B 228 -31.07 -17.01 11.43
C THR B 228 -31.11 -17.76 10.10
N GLY B 229 -30.18 -18.70 9.95
CA GLY B 229 -30.13 -19.51 8.74
C GLY B 229 -28.73 -19.84 8.28
N HIS B 230 -27.74 -19.08 8.73
CA HIS B 230 -26.36 -19.36 8.39
C HIS B 230 -25.79 -20.42 9.32
N GLU B 231 -24.69 -21.04 8.89
CA GLU B 231 -24.08 -22.14 9.63
C GLU B 231 -22.79 -21.75 10.33
N SER B 232 -22.21 -20.59 10.02
CA SER B 232 -20.90 -20.22 10.55
C SER B 232 -20.87 -18.71 10.73
N ASP B 233 -19.66 -18.16 10.88
CA ASP B 233 -19.48 -16.76 11.22
C ASP B 233 -20.08 -15.85 10.14
N ILE B 234 -20.36 -14.62 10.53
CA ILE B 234 -20.89 -13.59 9.64
C ILE B 234 -19.79 -12.57 9.42
N ASN B 235 -19.39 -12.38 8.16
CA ASN B 235 -18.24 -11.54 7.84
C ASN B 235 -18.61 -10.17 7.29
N ALA B 236 -19.67 -10.07 6.50
CA ALA B 236 -20.05 -8.80 5.90
C ALA B 236 -21.55 -8.76 5.70
N ILE B 237 -22.13 -7.57 5.88
CA ILE B 237 -23.57 -7.36 5.74
C ILE B 237 -23.79 -6.09 4.91
N CYS B 238 -24.72 -6.17 3.96
CA CYS B 238 -25.13 -5.03 3.15
C CYS B 238 -26.60 -4.75 3.46
N PHE B 239 -27.17 -3.77 2.76
CA PHE B 239 -28.54 -3.38 3.02
C PHE B 239 -29.14 -2.83 1.74
N PHE B 240 -30.31 -3.35 1.37
CA PHE B 240 -30.90 -3.07 0.07
C PHE B 240 -31.19 -1.58 -0.10
N PRO B 241 -31.06 -1.06 -1.33
CA PRO B 241 -31.36 0.37 -1.53
C PRO B 241 -32.77 0.76 -1.17
N ASN B 242 -33.75 -0.13 -1.36
CA ASN B 242 -35.13 0.19 -1.02
C ASN B 242 -35.28 0.45 0.47
N GLY B 243 -34.59 -0.34 1.29
CA GLY B 243 -34.68 -0.22 2.73
C GLY B 243 -35.48 -1.31 3.42
N ASN B 244 -35.98 -2.30 2.68
CA ASN B 244 -36.76 -3.40 3.24
C ASN B 244 -36.11 -4.75 3.05
N ALA B 245 -34.80 -4.79 2.83
CA ALA B 245 -34.08 -6.05 2.64
C ALA B 245 -32.61 -5.82 2.93
N PHE B 246 -31.88 -6.92 3.07
CA PHE B 246 -30.44 -6.87 3.28
C PHE B 246 -29.84 -8.21 2.89
N ALA B 247 -28.53 -8.19 2.66
CA ALA B 247 -27.79 -9.37 2.23
C ALA B 247 -26.60 -9.60 3.14
N THR B 248 -26.19 -10.86 3.26
CA THR B 248 -25.16 -11.27 4.19
C THR B 248 -24.19 -12.22 3.51
N GLY B 249 -22.93 -12.16 3.93
CA GLY B 249 -21.90 -13.08 3.47
C GLY B 249 -21.19 -13.74 4.63
N SER B 250 -21.02 -15.06 4.56
CA SER B 250 -20.53 -15.85 5.68
C SER B 250 -19.30 -16.66 5.28
N ASP B 251 -18.78 -17.41 6.25
CA ASP B 251 -17.58 -18.22 6.06
C ASP B 251 -17.87 -19.55 5.36
N ASP B 252 -19.14 -19.94 5.22
CA ASP B 252 -19.49 -21.21 4.60
C ASP B 252 -19.72 -21.08 3.10
N ALA B 253 -19.10 -20.09 2.46
CA ALA B 253 -19.17 -19.90 1.01
C ALA B 253 -20.62 -19.77 0.54
N THR B 254 -21.41 -18.97 1.25
CA THR B 254 -22.81 -18.79 0.92
C THR B 254 -23.22 -17.36 1.21
N CYS B 255 -24.16 -16.85 0.41
CA CYS B 255 -24.76 -15.54 0.61
C CYS B 255 -26.26 -15.69 0.81
N ARG B 256 -26.84 -14.85 1.66
CA ARG B 256 -28.23 -14.94 2.02
C ARG B 256 -28.92 -13.59 1.81
N LEU B 257 -30.22 -13.65 1.51
CA LEU B 257 -31.06 -12.47 1.35
C LEU B 257 -32.25 -12.60 2.29
N PHE B 258 -32.45 -11.60 3.14
CA PHE B 258 -33.54 -11.61 4.11
C PHE B 258 -34.43 -10.39 3.93
N ASP B 259 -35.72 -10.57 4.18
CA ASP B 259 -36.67 -9.47 4.16
C ASP B 259 -37.06 -9.08 5.57
N LEU B 260 -37.44 -7.81 5.73
CA LEU B 260 -37.78 -7.25 7.03
C LEU B 260 -39.25 -7.40 7.39
N ARG B 261 -40.16 -7.13 6.44
CA ARG B 261 -41.58 -7.26 6.73
C ARG B 261 -42.02 -8.72 6.77
N ALA B 262 -41.53 -9.53 5.83
CA ALA B 262 -41.94 -10.93 5.78
C ALA B 262 -41.27 -11.75 6.88
N ASP B 263 -39.98 -11.49 7.15
CA ASP B 263 -39.21 -12.19 8.18
C ASP B 263 -39.03 -13.67 7.85
N GLN B 264 -38.66 -13.94 6.59
CA GLN B 264 -38.21 -15.27 6.19
C GLN B 264 -36.88 -15.19 5.46
N GLU B 265 -36.45 -16.31 4.90
CA GLU B 265 -35.20 -16.40 4.15
C GLU B 265 -35.54 -16.42 2.65
N LEU B 266 -34.97 -15.48 1.92
CA LEU B 266 -35.21 -15.37 0.49
C LEU B 266 -34.16 -16.17 -0.27
N MET B 267 -34.07 -15.96 -1.58
CA MET B 267 -33.20 -16.75 -2.45
C MET B 267 -31.76 -16.77 -1.93
N THR B 268 -31.05 -17.86 -2.25
CA THR B 268 -29.70 -18.12 -1.77
C THR B 268 -28.72 -18.12 -2.94
N TYR B 269 -27.59 -17.45 -2.76
CA TYR B 269 -26.56 -17.31 -3.79
C TYR B 269 -25.36 -18.17 -3.40
N SER B 270 -25.24 -19.34 -4.01
CA SER B 270 -24.13 -20.25 -3.72
C SER B 270 -23.84 -21.10 -4.94
N HIS B 271 -22.60 -21.57 -5.02
CA HIS B 271 -22.17 -22.45 -6.09
C HIS B 271 -21.27 -23.53 -5.51
N ASP B 272 -21.28 -24.70 -6.15
CA ASP B 272 -20.58 -25.86 -5.61
C ASP B 272 -19.07 -25.82 -5.84
N ASN B 273 -18.57 -24.88 -6.64
CA ASN B 273 -17.15 -24.79 -6.93
C ASN B 273 -16.43 -23.75 -6.06
N ILE B 274 -17.11 -23.21 -5.06
CA ILE B 274 -16.53 -22.22 -4.15
C ILE B 274 -16.50 -22.81 -2.75
N ILE B 275 -15.32 -22.77 -2.12
CA ILE B 275 -15.16 -23.39 -0.80
C ILE B 275 -14.82 -22.33 0.23
N CYS B 276 -14.15 -21.26 -0.18
CA CYS B 276 -13.70 -20.26 0.77
C CYS B 276 -14.82 -19.28 1.12
N GLY B 277 -14.62 -18.56 2.23
CA GLY B 277 -15.63 -17.64 2.73
C GLY B 277 -15.62 -16.30 2.03
N ILE B 278 -16.69 -15.55 2.26
CA ILE B 278 -16.89 -14.22 1.67
C ILE B 278 -16.35 -13.18 2.63
N THR B 279 -15.73 -12.14 2.09
CA THR B 279 -15.16 -11.06 2.89
C THR B 279 -15.97 -9.78 2.83
N SER B 280 -16.57 -9.44 1.69
CA SER B 280 -17.33 -8.22 1.56
C SER B 280 -18.47 -8.42 0.57
N VAL B 281 -19.54 -7.64 0.75
CA VAL B 281 -20.69 -7.64 -0.15
C VAL B 281 -21.07 -6.20 -0.43
N SER B 282 -21.74 -5.99 -1.57
CA SER B 282 -22.22 -4.66 -1.95
C SER B 282 -23.24 -4.82 -3.08
N PHE B 283 -24.17 -3.87 -3.13
CA PHE B 283 -25.23 -3.86 -4.13
C PHE B 283 -24.94 -2.83 -5.21
N SER B 284 -25.73 -2.89 -6.28
CA SER B 284 -25.66 -1.90 -7.35
C SER B 284 -26.61 -0.75 -7.02
N LYS B 285 -26.79 0.17 -7.97
CA LYS B 285 -27.65 1.32 -7.71
C LYS B 285 -29.11 0.95 -7.73
N SER B 286 -29.53 0.13 -8.69
CA SER B 286 -30.91 -0.31 -8.80
C SER B 286 -31.19 -1.59 -8.04
N GLY B 287 -30.17 -2.20 -7.43
CA GLY B 287 -30.35 -3.45 -6.73
C GLY B 287 -30.45 -4.67 -7.61
N ARG B 288 -30.17 -4.54 -8.91
CA ARG B 288 -30.26 -5.67 -9.81
C ARG B 288 -29.07 -6.62 -9.67
N LEU B 289 -27.87 -6.09 -9.40
CA LEU B 289 -26.66 -6.89 -9.33
C LEU B 289 -26.11 -6.87 -7.92
N LEU B 290 -25.81 -8.05 -7.40
CA LEU B 290 -25.12 -8.21 -6.12
C LEU B 290 -23.75 -8.81 -6.38
N LEU B 291 -22.70 -8.15 -5.89
CA LEU B 291 -21.34 -8.61 -6.11
C LEU B 291 -20.62 -8.71 -4.78
N ALA B 292 -19.86 -9.81 -4.61
CA ALA B 292 -19.18 -10.11 -3.36
C ALA B 292 -17.74 -10.53 -3.65
N GLY B 293 -16.88 -10.30 -2.67
CA GLY B 293 -15.49 -10.71 -2.76
C GLY B 293 -15.24 -12.00 -2.00
N TYR B 294 -14.29 -12.79 -2.50
CA TYR B 294 -13.99 -14.10 -1.94
C TYR B 294 -12.51 -14.18 -1.56
N ASP B 295 -12.12 -15.32 -1.01
CA ASP B 295 -10.73 -15.55 -0.63
C ASP B 295 -9.89 -16.13 -1.75
N ASP B 296 -10.51 -16.68 -2.79
CA ASP B 296 -9.76 -17.25 -3.91
C ASP B 296 -9.44 -16.20 -4.96
N PHE B 297 -8.89 -15.07 -4.52
CA PHE B 297 -8.31 -14.03 -5.36
C PHE B 297 -9.31 -13.39 -6.32
N ASN B 298 -10.59 -13.75 -6.25
CA ASN B 298 -11.57 -13.32 -7.23
C ASN B 298 -12.59 -12.39 -6.59
N CYS B 299 -13.56 -11.97 -7.42
CA CYS B 299 -14.69 -11.17 -6.99
C CYS B 299 -15.84 -11.45 -7.95
N ASN B 300 -16.86 -12.15 -7.46
CA ASN B 300 -17.94 -12.64 -8.30
C ASN B 300 -19.08 -11.63 -8.37
N VAL B 301 -19.86 -11.72 -9.44
CA VAL B 301 -21.02 -10.88 -9.66
C VAL B 301 -22.23 -11.78 -9.83
N TRP B 302 -23.27 -11.53 -9.04
CA TRP B 302 -24.46 -12.36 -9.02
C TRP B 302 -25.67 -11.57 -9.50
N ASP B 303 -26.62 -12.26 -10.11
CA ASP B 303 -27.91 -11.69 -10.44
C ASP B 303 -28.79 -11.76 -9.20
N ALA B 304 -29.13 -10.60 -8.63
CA ALA B 304 -29.77 -10.57 -7.32
C ALA B 304 -31.16 -11.16 -7.33
N LEU B 305 -31.77 -11.35 -8.49
CA LEU B 305 -33.13 -11.86 -8.56
C LEU B 305 -33.21 -13.31 -9.01
N LYS B 306 -32.12 -13.91 -9.47
CA LYS B 306 -32.17 -15.27 -10.01
C LYS B 306 -31.03 -16.17 -9.55
N ALA B 307 -30.15 -15.70 -8.66
CA ALA B 307 -29.04 -16.51 -8.14
C ALA B 307 -28.18 -17.09 -9.26
N ASP B 308 -27.92 -16.26 -10.28
CA ASP B 308 -27.12 -16.65 -11.42
C ASP B 308 -25.79 -15.93 -11.38
N ARG B 309 -24.71 -16.66 -11.64
CA ARG B 309 -23.38 -16.07 -11.68
C ARG B 309 -23.13 -15.50 -13.06
N ALA B 310 -22.74 -14.23 -13.12
CA ALA B 310 -22.47 -13.57 -14.41
C ALA B 310 -21.40 -12.50 -14.17
N GLY B 311 -20.16 -12.84 -14.48
CA GLY B 311 -19.07 -11.89 -14.38
C GLY B 311 -18.08 -12.26 -13.28
N VAL B 312 -16.81 -12.05 -13.56
CA VAL B 312 -15.74 -12.29 -12.60
C VAL B 312 -14.74 -11.14 -12.71
N LEU B 313 -14.30 -10.63 -11.56
CA LEU B 313 -13.37 -9.49 -11.51
C LEU B 313 -12.01 -10.02 -11.06
N ALA B 314 -11.23 -10.53 -12.00
CA ALA B 314 -9.94 -11.14 -11.64
C ALA B 314 -8.78 -10.21 -11.96
N HIS B 316 -6.53 -9.70 -9.25
CA HIS B 316 -5.79 -9.39 -8.05
C HIS B 316 -4.81 -10.52 -7.71
N ASP B 317 -3.86 -10.29 -6.84
CA ASP B 317 -2.90 -11.32 -6.54
C ASP B 317 -3.25 -11.99 -5.27
N ASN B 318 -3.66 -11.24 -4.26
CA ASN B 318 -3.90 -11.86 -2.97
C ASN B 318 -5.37 -11.76 -2.58
N ARG B 319 -5.67 -12.11 -1.33
CA ARG B 319 -7.04 -12.11 -0.85
C ARG B 319 -7.68 -10.72 -0.96
N VAL B 320 -8.91 -10.69 -1.45
CA VAL B 320 -9.65 -9.44 -1.61
C VAL B 320 -10.38 -9.15 -0.30
N SER B 321 -10.14 -7.97 0.26
CA SER B 321 -10.62 -7.66 1.61
C SER B 321 -11.73 -6.63 1.66
N CYS B 322 -11.97 -5.86 0.60
CA CYS B 322 -12.99 -4.82 0.67
C CYS B 322 -13.51 -4.49 -0.71
N LEU B 323 -14.75 -3.99 -0.76
CA LEU B 323 -15.40 -3.55 -1.99
C LEU B 323 -15.99 -2.16 -1.82
N GLY B 324 -16.71 -1.68 -2.83
CA GLY B 324 -17.35 -0.40 -2.77
C GLY B 324 -17.98 0.02 -4.09
N VAL B 325 -19.19 0.58 -4.03
CA VAL B 325 -19.92 1.02 -5.21
C VAL B 325 -20.27 2.49 -5.03
N THR B 326 -20.07 3.28 -6.07
CA THR B 326 -20.26 4.72 -5.99
C THR B 326 -21.75 5.04 -5.86
N ASP B 327 -22.04 6.25 -5.36
CA ASP B 327 -23.43 6.65 -5.13
C ASP B 327 -24.21 6.73 -6.43
N ASP B 328 -23.59 7.21 -7.50
CA ASP B 328 -24.24 7.28 -8.80
C ASP B 328 -24.01 6.03 -9.64
N GLY B 329 -23.38 5.00 -9.08
CA GLY B 329 -23.20 3.75 -9.80
C GLY B 329 -22.21 3.80 -10.93
N MET B 330 -21.29 4.76 -10.93
CA MET B 330 -20.37 4.92 -12.05
C MET B 330 -19.28 3.85 -12.04
N ALA B 331 -18.73 3.53 -10.88
CA ALA B 331 -17.55 2.67 -10.82
C ALA B 331 -17.58 1.84 -9.55
N VAL B 332 -16.73 0.82 -9.52
CA VAL B 332 -16.56 -0.08 -8.39
C VAL B 332 -15.08 -0.15 -8.04
N ALA B 333 -14.75 0.00 -6.77
CA ALA B 333 -13.38 -0.07 -6.29
C ALA B 333 -13.22 -1.26 -5.36
N THR B 334 -12.16 -2.03 -5.56
CA THR B 334 -11.87 -3.21 -4.75
C THR B 334 -10.44 -3.16 -4.24
N GLY B 335 -10.25 -3.42 -2.95
CA GLY B 335 -8.93 -3.56 -2.38
C GLY B 335 -8.58 -5.03 -2.19
N SER B 336 -7.33 -5.25 -1.80
CA SER B 336 -6.83 -6.62 -1.64
C SER B 336 -5.60 -6.60 -0.74
N TRP B 337 -5.10 -7.80 -0.44
CA TRP B 337 -3.97 -7.96 0.46
C TRP B 337 -2.62 -7.75 -0.23
N ASP B 338 -2.61 -7.52 -1.53
CA ASP B 338 -1.38 -7.20 -2.26
C ASP B 338 -1.09 -5.71 -2.31
N SER B 339 -1.91 -4.89 -1.63
CA SER B 339 -1.70 -3.46 -1.48
C SER B 339 -1.92 -2.68 -2.78
N PHE B 340 -2.87 -3.12 -3.60
CA PHE B 340 -3.22 -2.41 -4.83
C PHE B 340 -4.73 -2.18 -4.87
N LEU B 341 -5.12 -0.96 -5.22
CA LEU B 341 -6.53 -0.59 -5.39
C LEU B 341 -6.82 -0.45 -6.87
N LYS B 342 -7.88 -1.12 -7.33
CA LYS B 342 -8.28 -1.11 -8.74
C LYS B 342 -9.68 -0.56 -8.86
N ILE B 343 -9.87 0.37 -9.80
CA ILE B 343 -11.18 0.96 -10.07
C ILE B 343 -11.69 0.37 -11.37
N TRP B 344 -12.83 -0.30 -11.31
CA TRP B 344 -13.39 -1.01 -12.44
C TRP B 344 -14.57 -0.24 -13.03
N ASN B 345 -14.94 -0.61 -14.25
CA ASN B 345 -16.04 0.02 -14.95
C ASN B 345 -16.52 -0.85 -16.12
N LEU C 25 26.52 -28.94 -39.19
CA LEU C 25 27.21 -27.96 -38.37
C LEU C 25 26.41 -26.66 -38.29
N TYR C 26 25.84 -26.25 -39.42
CA TYR C 26 25.02 -25.04 -39.44
C TYR C 26 23.72 -25.25 -38.67
N SER C 27 23.16 -26.46 -38.74
CA SER C 27 21.88 -26.72 -38.10
C SER C 27 21.97 -26.56 -36.59
N LEU C 28 23.04 -27.07 -35.97
CA LEU C 28 23.18 -26.94 -34.53
C LEU C 28 23.40 -25.49 -34.13
N MET C 29 24.14 -24.73 -34.93
CA MET C 29 24.31 -23.30 -34.65
C MET C 29 22.99 -22.56 -34.71
N SER C 30 22.18 -22.86 -35.73
CA SER C 30 20.86 -22.23 -35.83
C SER C 30 19.98 -22.63 -34.65
N LEU C 31 20.05 -23.89 -34.23
CA LEU C 31 19.29 -24.33 -33.07
C LEU C 31 19.71 -23.59 -31.81
N ILE C 32 21.02 -23.41 -31.62
CA ILE C 32 21.51 -22.68 -30.46
C ILE C 32 21.03 -21.23 -30.50
N ILE C 33 21.10 -20.60 -31.67
CA ILE C 33 20.66 -19.21 -31.79
C ILE C 33 19.18 -19.09 -31.47
N LEU C 34 18.37 -20.00 -32.01
CA LEU C 34 16.93 -19.96 -31.76
C LEU C 34 16.62 -20.19 -30.30
N ALA C 35 17.31 -21.15 -29.66
CA ALA C 35 17.07 -21.42 -28.24
C ALA C 35 17.43 -20.21 -27.39
N THR C 36 18.57 -19.57 -27.68
CA THR C 36 18.96 -18.38 -26.95
C THR C 36 17.92 -17.28 -27.13
N LEU C 37 17.48 -17.05 -28.37
CA LEU C 37 16.52 -15.98 -28.64
C LEU C 37 15.19 -16.23 -27.94
N VAL C 38 14.70 -17.47 -27.94
CA VAL C 38 13.42 -17.72 -27.30
C VAL C 38 13.55 -17.65 -25.79
N GLY C 39 14.62 -18.21 -25.22
CA GLY C 39 14.76 -18.22 -23.77
C GLY C 39 14.91 -16.83 -23.18
N ASN C 40 15.79 -16.02 -23.78
CA ASN C 40 15.96 -14.67 -23.26
C ASN C 40 14.70 -13.84 -23.40
N LEU C 41 14.00 -13.97 -24.54
CA LEU C 41 12.76 -13.22 -24.73
C LEU C 41 11.69 -13.63 -23.72
N ILE C 42 11.53 -14.94 -23.48
CA ILE C 42 10.49 -15.38 -22.57
C ILE C 42 10.82 -14.96 -21.15
N VAL C 43 12.09 -15.04 -20.74
CA VAL C 43 12.45 -14.56 -19.41
C VAL C 43 12.20 -13.06 -19.30
N ILE C 44 12.57 -12.29 -20.34
CA ILE C 44 12.41 -10.84 -20.29
C ILE C 44 10.94 -10.47 -20.17
N ILE C 45 10.07 -11.12 -20.94
CA ILE C 45 8.66 -10.76 -20.87
C ILE C 45 8.03 -11.25 -19.56
N SER C 46 8.44 -12.41 -19.06
CA SER C 46 7.85 -12.92 -17.83
C SER C 46 8.25 -12.08 -16.61
N ILE C 47 9.50 -11.62 -16.56
CA ILE C 47 9.99 -10.90 -15.39
C ILE C 47 9.61 -9.43 -15.47
N SER C 48 8.81 -9.08 -16.47
CA SER C 48 8.37 -7.69 -16.68
C SER C 48 6.87 -7.52 -16.69
N HIS C 49 6.13 -8.47 -17.27
CA HIS C 49 4.68 -8.33 -17.35
C HIS C 49 4.01 -8.47 -15.99
N PHE C 50 4.60 -9.22 -15.08
CA PHE C 50 3.98 -9.51 -13.79
C PHE C 50 4.49 -8.53 -12.73
N LYS C 51 3.56 -7.83 -12.07
CA LYS C 51 3.92 -7.01 -10.93
C LYS C 51 4.24 -7.84 -9.70
N GLN C 52 3.97 -9.14 -9.73
CA GLN C 52 4.33 -10.02 -8.61
C GLN C 52 5.83 -10.10 -8.42
N LEU C 53 6.59 -10.19 -9.51
CA LEU C 53 8.02 -10.45 -9.46
C LEU C 53 8.86 -9.18 -9.51
N HIS C 54 8.36 -8.06 -9.01
CA HIS C 54 9.11 -6.81 -9.04
C HIS C 54 10.06 -6.70 -7.85
N THR C 55 10.96 -7.70 -7.70
CA THR C 55 12.00 -7.69 -6.69
C THR C 55 13.35 -7.35 -7.31
N PRO C 56 14.22 -6.68 -6.55
CA PRO C 56 15.52 -6.26 -7.12
C PRO C 56 16.33 -7.40 -7.73
N THR C 57 16.29 -8.58 -7.10
CA THR C 57 16.97 -9.74 -7.67
C THR C 57 16.42 -10.07 -9.05
N ASN C 58 15.10 -9.97 -9.22
CA ASN C 58 14.50 -10.24 -10.52
C ASN C 58 14.92 -9.19 -11.55
N TRP C 59 15.09 -7.93 -11.14
CA TRP C 59 15.58 -6.91 -12.07
C TRP C 59 17.01 -7.22 -12.51
N LEU C 60 17.85 -7.65 -11.56
CA LEU C 60 19.23 -8.00 -11.92
C LEU C 60 19.25 -9.21 -12.85
N LEU C 61 18.32 -10.15 -12.65
CA LEU C 61 18.23 -11.29 -13.56
C LEU C 61 17.69 -10.88 -14.92
N HIS C 62 16.84 -9.87 -14.96
CA HIS C 62 16.27 -9.38 -16.23
C HIS C 62 17.35 -8.68 -17.06
N SER C 63 18.23 -7.92 -16.41
CA SER C 63 19.30 -7.22 -17.11
C SER C 63 20.21 -8.21 -17.83
N MET C 64 20.58 -9.29 -17.15
CA MET C 64 21.44 -10.32 -17.73
C MET C 64 20.74 -10.99 -18.90
N ALA C 65 19.42 -11.18 -18.79
CA ALA C 65 18.66 -11.75 -19.90
C ALA C 65 18.70 -10.83 -21.12
N ILE C 66 18.59 -9.52 -20.88
CA ILE C 66 18.69 -8.55 -21.97
C ILE C 66 20.07 -8.62 -22.63
N VAL C 67 21.12 -8.71 -21.81
CA VAL C 67 22.47 -8.81 -22.35
C VAL C 67 22.61 -10.07 -23.22
N ASP C 68 22.12 -11.20 -22.72
CA ASP C 68 22.23 -12.44 -23.49
C ASP C 68 21.43 -12.36 -24.78
N PHE C 69 20.25 -11.72 -24.74
CA PHE C 69 19.47 -11.55 -25.96
C PHE C 69 20.20 -10.69 -26.98
N LEU C 70 20.81 -9.59 -26.52
CA LEU C 70 21.58 -8.75 -27.44
C LEU C 70 22.74 -9.51 -28.04
N LEU C 71 23.44 -10.30 -27.24
CA LEU C 71 24.54 -11.10 -27.76
C LEU C 71 24.05 -12.13 -28.78
N GLY C 72 22.92 -12.77 -28.51
CA GLY C 72 22.42 -13.77 -29.43
C GLY C 72 21.96 -13.18 -30.75
N CYS C 73 21.31 -12.02 -30.70
CA CYS C 73 20.73 -11.43 -31.90
C CYS C 73 21.79 -10.93 -32.88
N LEU C 74 22.76 -10.16 -32.39
CA LEU C 74 23.70 -9.49 -33.27
C LEU C 74 24.89 -10.37 -33.65
N ILE C 75 25.68 -10.78 -32.65
CA ILE C 75 26.99 -11.35 -32.92
C ILE C 75 26.88 -12.74 -33.54
N MET C 76 25.98 -13.56 -33.00
CA MET C 76 25.96 -14.98 -33.36
C MET C 76 25.71 -15.24 -34.84
N PRO C 77 24.75 -14.59 -35.52
CA PRO C 77 24.60 -14.87 -36.97
C PRO C 77 25.86 -14.57 -37.77
N CYS C 78 26.49 -13.41 -37.52
CA CYS C 78 27.68 -13.05 -38.27
C CYS C 78 28.82 -14.01 -37.97
N SER C 79 28.98 -14.40 -36.69
CA SER C 79 30.04 -15.35 -36.35
C SER C 79 29.80 -16.70 -37.01
N MET C 80 28.54 -17.15 -37.04
CA MET C 80 28.23 -18.43 -37.71
C MET C 80 28.52 -18.34 -39.20
N VAL C 81 28.18 -17.21 -39.82
CA VAL C 81 28.45 -17.04 -41.25
C VAL C 81 29.95 -17.07 -41.51
N ARG C 82 30.72 -16.38 -40.67
CA ARG C 82 32.17 -16.38 -40.82
C ARG C 82 32.79 -17.75 -40.57
N THR C 83 32.23 -18.53 -39.64
CA THR C 83 32.75 -19.86 -39.35
C THR C 83 32.35 -20.90 -40.38
N VAL C 84 31.22 -20.72 -41.07
CA VAL C 84 30.83 -21.66 -42.12
C VAL C 84 31.85 -21.61 -43.26
N GLU C 85 32.24 -20.42 -43.68
CA GLU C 85 33.31 -20.25 -44.65
C GLU C 85 34.65 -20.16 -43.93
N ARG C 86 35.70 -19.79 -44.69
CA ARG C 86 37.02 -19.60 -44.13
C ARG C 86 37.52 -18.17 -44.30
N CYS C 87 36.68 -17.28 -44.81
CA CYS C 87 37.01 -15.87 -44.93
C CYS C 87 35.73 -15.06 -44.81
N TRP C 88 35.87 -13.78 -44.47
CA TRP C 88 34.74 -12.94 -44.09
C TRP C 88 34.57 -11.83 -45.13
N TYR C 89 33.32 -11.57 -45.52
CA TYR C 89 33.01 -10.88 -46.77
C TYR C 89 32.65 -9.42 -46.58
N PHE C 90 33.05 -8.80 -45.48
CA PHE C 90 32.69 -7.40 -45.24
C PHE C 90 33.96 -6.55 -45.13
N GLY C 91 33.77 -5.27 -44.81
CA GLY C 91 34.86 -4.32 -44.79
C GLY C 91 35.73 -4.43 -43.55
N GLU C 92 36.83 -3.69 -43.58
CA GLU C 92 37.82 -3.73 -42.50
C GLU C 92 37.42 -2.95 -41.27
N ILE C 93 36.47 -2.03 -41.37
CA ILE C 93 35.96 -1.33 -40.19
C ILE C 93 34.92 -2.18 -39.46
N LEU C 94 34.09 -2.89 -40.23
CA LEU C 94 33.09 -3.77 -39.63
C LEU C 94 33.74 -4.88 -38.83
N CYS C 95 34.93 -5.34 -39.24
CA CYS C 95 35.62 -6.37 -38.47
C CYS C 95 35.98 -5.86 -37.08
N LYS C 96 36.47 -4.65 -37.06
CA LYS C 96 36.86 -4.03 -35.85
C LYS C 96 35.67 -3.90 -34.98
N VAL C 97 34.64 -3.31 -35.48
CA VAL C 97 33.40 -3.04 -34.74
C VAL C 97 32.82 -4.34 -34.19
N HIS C 98 32.77 -5.37 -35.03
CA HIS C 98 32.19 -6.64 -34.62
C HIS C 98 32.99 -7.30 -33.50
N THR C 99 34.32 -7.28 -33.60
CA THR C 99 35.13 -7.91 -32.55
C THR C 99 35.05 -7.12 -31.24
N SER C 100 35.03 -5.79 -31.31
CA SER C 100 34.92 -5.01 -30.08
C SER C 100 33.55 -5.21 -29.42
N THR C 101 32.49 -5.25 -30.24
CA THR C 101 31.16 -5.54 -29.70
C THR C 101 31.09 -6.94 -29.09
N ASP C 102 31.71 -7.92 -29.75
CA ASP C 102 31.74 -9.27 -29.19
C ASP C 102 32.40 -9.29 -27.82
N ILE C 103 33.58 -8.67 -27.70
CA ILE C 103 34.28 -8.68 -26.42
C ILE C 103 33.45 -7.96 -25.36
N MET C 104 32.92 -6.78 -25.69
CA MET C 104 32.19 -5.98 -24.71
C MET C 104 30.92 -6.67 -24.26
N LEU C 105 30.18 -7.31 -25.18
CA LEU C 105 28.92 -7.94 -24.85
C LEU C 105 29.08 -9.37 -24.35
N SER C 106 30.28 -9.95 -24.44
CA SER C 106 30.55 -11.24 -23.85
C SER C 106 31.15 -11.15 -22.46
N SER C 107 31.85 -10.06 -22.13
CA SER C 107 32.30 -9.85 -20.76
C SER C 107 31.15 -9.50 -19.82
N ALA C 108 30.07 -8.91 -20.34
CA ALA C 108 28.93 -8.52 -19.51
C ALA C 108 28.22 -9.72 -18.92
N SER C 109 28.11 -10.82 -19.67
CA SER C 109 27.48 -12.02 -19.12
C SER C 109 28.26 -12.55 -17.93
N ILE C 110 29.58 -12.60 -18.03
CA ILE C 110 30.40 -13.10 -16.93
C ILE C 110 30.31 -12.14 -15.74
N PHE C 111 30.29 -10.83 -15.99
CA PHE C 111 30.14 -9.89 -14.89
C PHE C 111 28.80 -10.06 -14.19
N HIS C 112 27.72 -10.24 -14.96
CA HIS C 112 26.41 -10.45 -14.36
C HIS C 112 26.37 -11.74 -13.56
N LEU C 113 26.97 -12.81 -14.08
CA LEU C 113 27.05 -14.05 -13.32
C LEU C 113 27.81 -13.86 -12.02
N ALA C 114 28.91 -13.11 -12.05
CA ALA C 114 29.65 -12.80 -10.84
C ALA C 114 28.88 -11.90 -9.88
N PHE C 115 27.88 -11.17 -10.36
CA PHE C 115 27.04 -10.37 -9.47
C PHE C 115 25.84 -11.11 -8.91
N ILE C 116 25.36 -12.16 -9.59
CA ILE C 116 24.28 -12.98 -9.06
C ILE C 116 24.72 -13.82 -7.87
N SER C 117 26.02 -14.10 -7.76
CA SER C 117 26.55 -14.93 -6.67
C SER C 117 26.98 -14.11 -5.47
N ILE C 118 26.71 -12.80 -5.46
CA ILE C 118 27.09 -11.96 -4.34
C ILE C 118 25.88 -11.66 -3.48
N ASP C 119 24.69 -11.60 -4.11
CA ASP C 119 23.48 -11.39 -3.32
C ASP C 119 23.06 -12.66 -2.59
N ARG C 120 23.33 -13.83 -3.17
CA ARG C 120 23.08 -15.08 -2.46
C ARG C 120 24.04 -15.27 -1.30
N TYR C 121 25.21 -14.64 -1.34
CA TYR C 121 26.11 -14.64 -0.20
C TYR C 121 25.60 -13.77 0.94
N CYS C 122 24.67 -12.86 0.67
CA CYS C 122 24.04 -12.07 1.73
C CYS C 122 22.74 -12.67 2.22
N ALA C 123 22.12 -13.55 1.44
CA ALA C 123 20.88 -14.18 1.86
C ALA C 123 21.11 -15.29 2.88
N VAL C 124 22.28 -15.92 2.87
CA VAL C 124 22.55 -17.04 3.77
C VAL C 124 23.65 -16.73 4.80
N CYS C 125 24.60 -15.86 4.47
CA CYS C 125 25.67 -15.51 5.40
C CYS C 125 25.40 -14.22 6.14
N ASP C 126 24.25 -13.58 5.92
CA ASP C 126 23.85 -12.38 6.64
C ASP C 126 22.34 -12.24 6.51
N PRO C 127 21.56 -13.16 7.10
CA PRO C 127 20.12 -13.21 6.79
C PRO C 127 19.32 -12.09 7.46
N LEU C 128 19.81 -11.50 8.55
CA LEU C 128 19.05 -10.47 9.24
C LEU C 128 19.20 -9.09 8.64
N ARG C 129 20.14 -8.88 7.71
CA ARG C 129 20.34 -7.60 7.07
C ARG C 129 20.20 -7.69 5.55
N TYR C 130 19.50 -8.72 5.05
CA TYR C 130 19.41 -8.92 3.61
C TYR C 130 18.55 -7.85 2.94
N LYS C 131 17.44 -7.48 3.57
CA LYS C 131 16.52 -6.54 2.95
C LYS C 131 16.95 -5.08 3.11
N ALA C 132 17.86 -4.81 4.03
CA ALA C 132 18.35 -3.46 4.26
C ALA C 132 19.65 -3.15 3.54
N LYS C 133 20.16 -4.09 2.74
CA LYS C 133 21.42 -3.88 2.05
C LYS C 133 21.26 -4.13 0.56
N ILE C 134 20.35 -5.02 0.18
CA ILE C 134 20.01 -5.25 -1.22
C ILE C 134 18.77 -4.40 -1.49
N ASN C 135 18.99 -3.14 -1.82
CA ASN C 135 17.92 -2.20 -2.12
C ASN C 135 17.62 -2.23 -3.62
N ILE C 136 16.83 -1.26 -4.09
CA ILE C 136 16.70 -1.02 -5.52
C ILE C 136 17.73 -0.01 -6.01
N SER C 137 18.41 0.69 -5.10
CA SER C 137 19.46 1.63 -5.46
C SER C 137 20.84 0.99 -5.52
N THR C 138 20.95 -0.29 -5.16
CA THR C 138 22.19 -1.04 -5.28
C THR C 138 22.23 -1.90 -6.54
N ILE C 139 21.09 -2.48 -6.91
CA ILE C 139 21.00 -3.23 -8.16
C ILE C 139 21.26 -2.29 -9.34
N LEU C 140 20.83 -1.03 -9.24
CA LEU C 140 21.10 -0.07 -10.30
C LEU C 140 22.60 0.15 -10.47
N VAL C 141 23.33 0.32 -9.36
CA VAL C 141 24.78 0.48 -9.44
C VAL C 141 25.42 -0.77 -10.01
N MET C 142 24.93 -1.94 -9.63
CA MET C 142 25.47 -3.19 -10.16
C MET C 142 25.29 -3.28 -11.67
N ILE C 143 24.09 -2.94 -12.16
CA ILE C 143 23.82 -3.01 -13.59
C ILE C 143 24.65 -1.97 -14.35
N LEU C 144 24.80 -0.77 -13.77
CA LEU C 144 25.70 0.22 -14.36
C LEU C 144 27.10 -0.35 -14.52
N VAL C 145 27.75 -0.71 -13.40
CA VAL C 145 29.11 -1.21 -13.45
C VAL C 145 29.23 -2.42 -14.37
N SER C 146 28.15 -3.20 -14.51
CA SER C 146 28.18 -4.34 -15.41
C SER C 146 28.14 -3.91 -16.88
N TRP C 147 27.45 -2.82 -17.20
CA TRP C 147 27.35 -2.37 -18.58
C TRP C 147 28.50 -1.48 -19.02
N SER C 148 28.90 -0.54 -18.17
CA SER C 148 29.83 0.52 -18.58
C SER C 148 31.24 -0.02 -18.79
N LEU C 149 31.79 -0.70 -17.78
CA LEU C 149 33.19 -1.10 -17.83
C LEU C 149 33.53 -2.00 -19.02
N PRO C 150 32.79 -3.07 -19.33
CA PRO C 150 33.17 -3.90 -20.49
C PRO C 150 33.19 -3.13 -21.81
N ALA C 151 32.22 -2.25 -22.04
CA ALA C 151 32.18 -1.52 -23.31
C ALA C 151 33.36 -0.56 -23.44
N VAL C 152 33.66 0.17 -22.37
CA VAL C 152 34.79 1.09 -22.39
C VAL C 152 36.10 0.33 -22.57
N TYR C 153 36.36 -0.70 -21.81
CA TYR C 153 37.60 -1.43 -22.02
C TYR C 153 37.66 -2.14 -23.40
N ALA C 154 36.58 -2.68 -23.93
CA ALA C 154 36.66 -3.36 -25.22
C ALA C 154 36.65 -2.40 -26.41
N PHE C 155 36.25 -1.15 -26.22
CA PHE C 155 36.31 -0.18 -27.30
C PHE C 155 37.56 0.68 -27.28
N GLY C 156 38.19 0.84 -26.12
CA GLY C 156 39.43 1.58 -25.99
C GLY C 156 40.69 0.76 -26.15
N MET C 157 40.58 -0.49 -26.58
CA MET C 157 41.76 -1.33 -26.78
C MET C 157 41.79 -1.87 -28.21
N ILE C 158 40.61 -2.11 -28.78
CA ILE C 158 40.55 -2.59 -30.15
C ILE C 158 40.82 -1.47 -31.14
N PHE C 159 40.12 -0.34 -30.99
CA PHE C 159 40.25 0.76 -31.94
C PHE C 159 41.59 1.46 -31.78
N LEU C 160 41.97 1.79 -30.55
CA LEU C 160 43.11 2.68 -30.31
C LEU C 160 44.44 1.93 -30.24
N GLU C 161 44.69 1.06 -31.23
CA GLU C 161 45.99 0.47 -31.54
C GLU C 161 46.59 -0.37 -30.42
N LEU C 162 45.92 -0.52 -29.27
CA LEU C 162 46.45 -1.40 -28.23
C LEU C 162 46.09 -2.86 -28.44
N ASN C 163 45.29 -3.17 -29.47
CA ASN C 163 44.88 -4.54 -29.71
C ASN C 163 46.08 -5.43 -29.99
N LEU C 164 46.97 -5.01 -30.89
CA LEU C 164 48.04 -5.88 -31.36
C LEU C 164 49.37 -5.14 -31.55
N LYS C 165 49.59 -4.02 -30.86
CA LYS C 165 50.82 -3.27 -31.08
C LYS C 165 51.99 -3.85 -30.28
N GLY C 166 52.19 -5.16 -30.37
CA GLY C 166 53.42 -5.76 -29.88
C GLY C 166 54.15 -6.49 -30.99
N VAL C 167 53.39 -7.03 -31.94
CA VAL C 167 53.96 -7.67 -33.12
C VAL C 167 53.06 -7.35 -34.32
N GLU C 168 53.48 -6.40 -35.14
CA GLU C 168 52.67 -5.98 -36.28
C GLU C 168 52.95 -6.78 -37.54
N GLU C 169 54.21 -7.12 -37.80
CA GLU C 169 54.54 -7.86 -39.01
C GLU C 169 53.99 -9.28 -38.97
N LEU C 170 54.13 -9.96 -37.84
CA LEU C 170 53.68 -11.35 -37.74
C LEU C 170 52.15 -11.45 -37.78
N TYR C 171 51.45 -10.46 -37.21
CA TYR C 171 49.99 -10.53 -37.12
C TYR C 171 49.36 -10.54 -38.49
N ARG C 172 49.85 -9.67 -39.39
CA ARG C 172 49.27 -9.60 -40.73
C ARG C 172 49.44 -10.92 -41.48
N SER C 173 50.65 -11.47 -41.45
CA SER C 173 50.90 -12.74 -42.12
C SER C 173 50.08 -13.87 -41.51
N GLN C 174 49.91 -13.86 -40.18
CA GLN C 174 49.21 -14.95 -39.52
C GLN C 174 47.71 -14.91 -39.78
N VAL C 175 47.11 -13.72 -39.76
CA VAL C 175 45.65 -13.62 -39.83
C VAL C 175 45.21 -12.77 -41.02
N SER C 176 45.74 -11.56 -41.12
CA SER C 176 45.23 -10.59 -42.09
C SER C 176 45.73 -10.84 -43.50
N ASP C 177 46.60 -11.81 -43.71
CA ASP C 177 47.12 -12.08 -45.04
C ASP C 177 46.01 -12.47 -46.01
N LEU C 178 45.32 -13.56 -45.68
CA LEU C 178 44.24 -14.01 -46.53
C LEU C 178 43.22 -14.81 -45.73
N GLY C 179 42.35 -14.12 -45.00
CA GLY C 179 41.33 -14.80 -44.21
C GLY C 179 40.56 -13.90 -43.26
N GLY C 180 39.42 -14.37 -42.76
CA GLY C 180 38.63 -13.58 -41.84
C GLY C 180 39.46 -13.29 -40.60
N CYS C 181 39.51 -12.03 -40.19
CA CYS C 181 40.31 -11.63 -39.04
C CYS C 181 39.66 -11.90 -37.69
N SER C 182 40.44 -12.38 -36.70
CA SER C 182 39.92 -12.66 -35.34
C SER C 182 40.80 -11.99 -34.25
N PRO C 183 40.36 -11.98 -32.97
CA PRO C 183 41.28 -11.39 -32.02
C PRO C 183 42.74 -11.84 -32.14
N PHE C 184 43.67 -10.89 -32.12
CA PHE C 184 45.05 -11.24 -32.12
C PHE C 184 45.55 -10.53 -30.87
N PHE C 185 46.25 -11.23 -30.02
CA PHE C 185 46.73 -10.65 -28.78
C PHE C 185 48.22 -10.87 -28.64
N SER C 186 48.88 -9.91 -27.99
CA SER C 186 50.31 -9.96 -27.74
C SER C 186 50.57 -10.67 -26.41
N LYS C 187 51.82 -10.66 -25.97
CA LYS C 187 52.18 -11.34 -24.72
C LYS C 187 51.68 -10.60 -23.49
N VAL C 188 51.41 -9.31 -23.60
CA VAL C 188 50.94 -8.51 -22.48
C VAL C 188 49.43 -8.37 -22.46
N SER C 189 48.82 -8.11 -23.63
CA SER C 189 47.38 -7.96 -23.70
C SER C 189 46.67 -9.26 -23.32
N GLY C 190 47.21 -10.40 -23.75
CA GLY C 190 46.60 -11.68 -23.43
C GLY C 190 46.55 -11.99 -21.95
N VAL C 191 47.49 -11.45 -21.18
CA VAL C 191 47.48 -11.65 -19.73
C VAL C 191 46.48 -10.72 -19.05
N LEU C 192 46.40 -9.47 -19.50
CA LEU C 192 45.42 -8.54 -18.95
C LEU C 192 44.00 -8.99 -19.23
N ALA C 193 43.74 -9.50 -20.44
CA ALA C 193 42.42 -10.02 -20.75
C ALA C 193 42.05 -11.18 -19.83
N PHE C 194 42.99 -12.10 -19.61
CA PHE C 194 42.75 -13.22 -18.70
C PHE C 194 42.45 -12.71 -17.29
N MET C 195 43.29 -11.82 -16.77
CA MET C 195 43.15 -11.35 -15.40
C MET C 195 41.98 -10.39 -15.21
N THR C 196 41.38 -9.90 -16.29
CA THR C 196 40.26 -8.97 -16.17
C THR C 196 38.90 -9.59 -16.48
N SER C 197 38.84 -10.54 -17.41
CA SER C 197 37.56 -11.07 -17.86
C SER C 197 37.29 -12.51 -17.44
N PHE C 198 38.27 -13.20 -16.86
CA PHE C 198 38.04 -14.60 -16.48
C PHE C 198 38.48 -14.92 -15.05
N TYR C 199 39.47 -14.18 -14.53
CA TYR C 199 40.03 -14.53 -13.23
C TYR C 199 39.27 -13.84 -12.10
N ILE C 200 39.20 -12.52 -12.11
CA ILE C 200 38.49 -11.79 -11.06
C ILE C 200 37.01 -12.19 -11.00
N PRO C 201 36.27 -12.28 -12.10
CA PRO C 201 34.90 -12.81 -12.01
C PRO C 201 34.84 -14.29 -11.68
N GLY C 202 35.94 -15.02 -11.79
CA GLY C 202 35.93 -16.44 -11.50
C GLY C 202 36.41 -16.79 -10.11
N SER C 203 37.39 -16.06 -9.62
CA SER C 203 37.92 -16.30 -8.27
C SER C 203 36.97 -15.83 -7.19
N VAL C 204 35.91 -15.11 -7.53
CA VAL C 204 34.90 -14.70 -6.56
C VAL C 204 33.64 -15.55 -6.65
N MET C 205 33.38 -16.19 -7.79
CA MET C 205 32.22 -17.06 -7.92
C MET C 205 32.42 -18.38 -7.19
N LEU C 206 33.67 -18.85 -7.09
CA LEU C 206 33.95 -20.14 -6.47
C LEU C 206 34.09 -20.05 -4.97
N PHE C 207 34.73 -18.99 -4.47
CA PHE C 207 34.90 -18.82 -3.02
C PHE C 207 33.55 -18.72 -2.33
N VAL C 208 32.63 -17.93 -2.89
CA VAL C 208 31.32 -17.75 -2.30
C VAL C 208 30.57 -19.08 -2.24
N TYR C 209 30.54 -19.80 -3.36
CA TYR C 209 29.81 -21.07 -3.38
C TYR C 209 30.50 -22.14 -2.56
N TYR C 210 31.78 -21.99 -2.26
CA TYR C 210 32.47 -22.98 -1.42
C TYR C 210 32.25 -22.68 0.06
N ARG C 211 32.06 -21.41 0.42
CA ARG C 211 31.54 -21.09 1.75
C ARG C 211 30.11 -21.58 1.95
N ILE C 212 29.25 -21.44 0.93
CA ILE C 212 27.84 -21.83 1.08
C ILE C 212 27.67 -23.34 1.18
N TYR C 213 28.58 -24.12 0.62
CA TYR C 213 28.46 -25.57 0.69
C TYR C 213 28.67 -26.10 2.10
N PHE C 214 29.45 -25.41 2.92
CA PHE C 214 29.70 -25.82 4.30
C PHE C 214 28.67 -25.27 5.27
N ILE C 215 27.67 -24.54 4.79
CA ILE C 215 26.58 -24.04 5.61
C ILE C 215 25.30 -24.82 5.37
N ALA C 216 24.98 -25.13 4.12
CA ALA C 216 23.80 -25.95 3.82
C ALA C 216 23.99 -27.40 4.22
N LYS C 217 25.21 -27.82 4.59
CA LYS C 217 25.46 -29.17 5.06
C LYS C 217 25.26 -29.29 6.56
N GLY C 218 25.81 -28.35 7.33
CA GLY C 218 25.60 -28.36 8.76
C GLY C 218 24.16 -28.11 9.15
N GLN C 219 23.51 -27.18 8.45
CA GLN C 219 22.11 -26.85 8.74
C GLN C 219 21.15 -27.97 8.36
N ALA C 220 21.59 -28.96 7.60
CA ALA C 220 20.71 -30.05 7.18
C ALA C 220 20.81 -31.29 8.05
N ARG C 221 21.89 -31.45 8.81
CA ARG C 221 22.00 -32.61 9.70
C ARG C 221 21.14 -32.43 10.94
N SER C 222 21.04 -31.20 11.46
CA SER C 222 20.26 -30.98 12.67
C SER C 222 18.77 -31.12 12.43
N ILE C 223 18.31 -30.83 11.22
CA ILE C 223 16.90 -31.01 10.88
C ILE C 223 16.53 -32.48 10.90
N ASN C 224 17.38 -33.33 10.33
CA ASN C 224 17.08 -34.77 10.29
C ASN C 224 17.43 -35.45 11.60
N ARG C 225 18.70 -35.40 12.00
CA ARG C 225 19.19 -36.05 13.20
C ARG C 225 19.58 -34.97 14.21
N THR C 226 18.73 -34.77 15.22
CA THR C 226 18.97 -33.75 16.24
C THR C 226 20.16 -34.13 17.12
N THR C 244 23.43 -32.28 1.47
CA THR C 244 22.68 -33.30 0.77
C THR C 244 22.10 -32.76 -0.53
N LYS C 245 21.25 -31.75 -0.43
CA LYS C 245 20.65 -31.13 -1.60
C LYS C 245 21.50 -30.00 -2.19
N ALA C 246 22.49 -29.50 -1.44
CA ALA C 246 23.37 -28.47 -1.98
C ALA C 246 24.36 -29.04 -2.99
N ALA C 247 24.71 -30.33 -2.85
CA ALA C 247 25.65 -30.95 -3.77
C ALA C 247 25.07 -31.03 -5.18
N LYS C 248 23.78 -31.30 -5.32
CA LYS C 248 23.15 -31.43 -6.62
C LYS C 248 22.65 -30.10 -7.17
N THR C 249 22.86 -29.00 -6.45
CA THR C 249 22.47 -27.68 -6.91
C THR C 249 23.67 -26.75 -7.11
N LEU C 250 24.57 -26.68 -6.12
CA LEU C 250 25.77 -25.89 -6.26
C LEU C 250 26.80 -26.53 -7.19
N GLY C 251 26.60 -27.79 -7.58
CA GLY C 251 27.52 -28.46 -8.47
C GLY C 251 27.31 -28.08 -9.92
N ILE C 252 26.06 -28.05 -10.36
CA ILE C 252 25.71 -27.68 -11.72
C ILE C 252 26.05 -26.23 -12.00
N MET C 253 25.71 -25.32 -11.09
CA MET C 253 25.93 -23.90 -11.31
C MET C 253 27.41 -23.57 -11.42
N VAL C 254 28.28 -24.47 -10.98
CA VAL C 254 29.72 -24.28 -11.11
C VAL C 254 30.28 -25.03 -12.31
N GLY C 255 29.83 -26.27 -12.53
CA GLY C 255 30.35 -27.08 -13.60
C GLY C 255 29.76 -26.80 -14.96
N VAL C 256 28.79 -25.87 -15.02
CA VAL C 256 28.29 -25.40 -16.30
C VAL C 256 29.13 -24.19 -16.71
N PHE C 257 29.54 -23.39 -15.73
CA PHE C 257 30.40 -22.25 -16.01
C PHE C 257 31.85 -22.67 -16.25
N LEU C 258 32.32 -23.72 -15.59
CA LEU C 258 33.71 -24.14 -15.74
C LEU C 258 33.95 -25.03 -16.95
N VAL C 259 32.91 -25.40 -17.68
CA VAL C 259 33.08 -26.21 -18.88
C VAL C 259 33.01 -25.37 -20.16
N CYS C 260 32.39 -24.19 -20.13
CA CYS C 260 32.22 -23.35 -21.30
C CYS C 260 33.34 -22.33 -21.48
N TRP C 261 33.75 -21.65 -20.41
CA TRP C 261 34.73 -20.58 -20.52
C TRP C 261 36.15 -21.05 -20.30
N CYS C 262 36.38 -22.04 -19.45
CA CYS C 262 37.73 -22.46 -19.09
C CYS C 262 38.52 -22.99 -20.28
N PRO C 263 37.99 -23.90 -21.11
CA PRO C 263 38.78 -24.41 -22.24
C PRO C 263 39.16 -23.36 -23.26
N PHE C 264 38.48 -22.23 -23.27
CA PHE C 264 38.73 -21.14 -24.17
C PHE C 264 39.75 -20.28 -23.60
N PHE C 265 39.49 -19.67 -22.50
CA PHE C 265 40.41 -18.71 -21.87
C PHE C 265 41.71 -19.36 -21.43
N LEU C 266 41.75 -20.69 -21.30
CA LEU C 266 43.01 -21.35 -20.99
C LEU C 266 43.94 -21.36 -22.20
N CYS C 267 43.39 -21.67 -23.38
CA CYS C 267 44.21 -21.69 -24.60
C CYS C 267 44.49 -20.29 -25.11
N THR C 268 43.60 -19.33 -24.84
CA THR C 268 43.79 -17.99 -25.39
C THR C 268 45.06 -17.34 -24.85
N VAL C 269 45.34 -17.49 -23.56
CA VAL C 269 46.50 -16.82 -22.97
C VAL C 269 47.81 -17.54 -23.27
N LEU C 270 47.76 -18.82 -23.64
CA LEU C 270 48.98 -19.58 -23.86
C LEU C 270 49.63 -19.27 -25.21
N ASP C 271 48.83 -18.92 -26.22
CA ASP C 271 49.38 -18.72 -27.57
C ASP C 271 50.45 -17.63 -27.63
N PRO C 272 50.26 -16.43 -27.07
CA PRO C 272 51.34 -15.43 -27.14
C PRO C 272 52.64 -15.89 -26.48
N PHE C 273 52.55 -16.64 -25.39
CA PHE C 273 53.74 -17.22 -24.77
C PHE C 273 54.24 -18.46 -25.50
N LEU C 274 53.43 -19.04 -26.38
CA LEU C 274 53.83 -20.18 -27.17
C LEU C 274 54.42 -19.70 -28.50
N GLY C 275 54.64 -20.61 -29.43
CA GLY C 275 55.15 -20.25 -30.74
C GLY C 275 54.03 -20.09 -31.76
N TYR C 276 52.81 -19.85 -31.26
CA TYR C 276 51.61 -19.76 -32.10
C TYR C 276 51.37 -21.05 -32.86
N VAL C 277 51.78 -22.18 -32.28
CA VAL C 277 51.62 -23.49 -32.92
C VAL C 277 50.25 -24.01 -32.51
N ILE C 278 49.23 -23.58 -33.24
CA ILE C 278 47.86 -24.01 -33.00
C ILE C 278 47.06 -23.83 -34.29
N PRO C 279 46.38 -24.87 -34.77
CA PRO C 279 45.60 -24.73 -36.01
C PRO C 279 44.44 -23.77 -35.83
N PRO C 280 44.10 -23.00 -36.85
CA PRO C 280 42.92 -22.13 -36.74
C PRO C 280 41.63 -22.90 -36.93
N SER C 281 41.53 -24.06 -36.30
CA SER C 281 40.33 -24.86 -36.21
C SER C 281 40.02 -25.27 -34.79
N LEU C 282 41.04 -25.59 -33.99
CA LEU C 282 40.82 -25.79 -32.56
C LEU C 282 40.40 -24.49 -31.89
N ASN C 283 41.05 -23.38 -32.24
CA ASN C 283 40.62 -22.07 -31.78
C ASN C 283 39.63 -21.45 -32.76
N ASP C 284 38.62 -22.24 -33.10
CA ASP C 284 37.50 -21.80 -33.93
C ASP C 284 36.16 -22.19 -33.33
N ALA C 285 36.07 -23.37 -32.71
CA ALA C 285 34.84 -23.83 -32.06
C ALA C 285 34.79 -23.47 -30.58
N LEU C 286 35.89 -22.97 -30.00
CA LEU C 286 35.88 -22.57 -28.60
C LEU C 286 35.00 -21.35 -28.36
N TYR C 287 34.68 -20.59 -29.41
CA TYR C 287 33.71 -19.51 -29.28
C TYR C 287 32.32 -20.07 -29.01
N TRP C 288 32.02 -21.25 -29.57
CA TRP C 288 30.69 -21.82 -29.42
C TRP C 288 30.44 -22.30 -28.00
N PHE C 289 31.49 -22.62 -27.24
CA PHE C 289 31.30 -22.92 -25.83
C PHE C 289 30.83 -21.68 -25.07
N GLY C 290 31.46 -20.52 -25.33
CA GLY C 290 30.99 -19.29 -24.73
C GLY C 290 29.58 -18.94 -25.16
N TYR C 291 29.23 -19.23 -26.41
CA TYR C 291 27.85 -19.03 -26.85
C TYR C 291 26.89 -19.97 -26.13
N LEU C 292 27.30 -21.22 -25.93
CA LEU C 292 26.46 -22.19 -25.23
C LEU C 292 26.23 -21.79 -23.78
N ASN C 293 27.23 -21.15 -23.16
CA ASN C 293 27.03 -20.66 -21.79
C ASN C 293 25.89 -19.65 -21.75
N SER C 294 25.87 -18.70 -22.68
CA SER C 294 24.77 -17.74 -22.73
C SER C 294 23.46 -18.38 -23.13
N ALA C 295 23.51 -19.47 -23.90
CA ALA C 295 22.31 -20.23 -24.21
C ALA C 295 21.72 -20.93 -23.00
N LEU C 296 22.55 -21.49 -22.13
CA LEU C 296 22.09 -22.26 -20.98
C LEU C 296 21.97 -21.43 -19.71
N ASN C 297 22.36 -20.15 -19.73
CA ASN C 297 22.20 -19.34 -18.53
C ASN C 297 20.75 -19.24 -18.06
N PRO C 298 19.76 -18.92 -18.91
CA PRO C 298 18.38 -18.88 -18.42
C PRO C 298 17.86 -20.21 -17.89
N MET C 299 18.29 -21.33 -18.50
CA MET C 299 17.82 -22.63 -18.05
C MET C 299 18.39 -23.01 -16.69
N VAL C 300 19.41 -22.30 -16.21
CA VAL C 300 20.00 -22.58 -14.92
C VAL C 300 19.63 -21.54 -13.87
N TYR C 301 19.40 -20.29 -14.26
CA TYR C 301 19.15 -19.23 -13.29
C TYR C 301 17.69 -18.79 -13.23
N ALA C 302 16.83 -19.26 -14.12
CA ALA C 302 15.42 -18.86 -14.07
C ALA C 302 14.43 -19.99 -14.27
N PHE C 303 14.82 -21.16 -14.76
CA PHE C 303 13.92 -22.27 -15.00
C PHE C 303 14.14 -23.41 -14.02
N PHE C 304 14.76 -23.12 -12.88
CA PHE C 304 15.11 -24.13 -11.89
C PHE C 304 14.46 -23.92 -10.54
N TYR C 305 13.67 -22.85 -10.36
CA TYR C 305 13.11 -22.54 -9.06
C TYR C 305 11.59 -22.49 -9.11
N PRO C 306 10.91 -23.02 -8.08
CA PRO C 306 9.45 -23.13 -8.15
C PRO C 306 8.73 -21.80 -8.19
N TRP C 307 9.33 -20.72 -7.68
CA TRP C 307 8.63 -19.44 -7.63
C TRP C 307 8.40 -18.83 -9.01
N PHE C 308 9.02 -19.37 -10.05
CA PHE C 308 8.82 -18.89 -11.41
C PHE C 308 8.07 -19.87 -12.31
N ARG C 309 8.23 -21.18 -12.09
CA ARG C 309 7.54 -22.15 -12.92
C ARG C 309 6.03 -22.07 -12.76
N ARG C 310 5.56 -21.92 -11.53
CA ARG C 310 4.13 -21.86 -11.25
C ARG C 310 3.57 -20.45 -11.36
N ALA C 311 4.40 -19.45 -11.64
CA ALA C 311 3.94 -18.08 -11.77
C ALA C 311 4.29 -17.49 -13.13
N VAL D 39 -2.62 32.19 12.49
CA VAL D 39 -2.40 32.49 11.08
C VAL D 39 -2.15 33.98 10.90
N GLN D 40 -0.88 34.34 10.68
CA GLN D 40 -0.52 35.73 10.47
C GLN D 40 0.86 35.79 9.82
N LEU D 41 1.05 36.77 8.94
CA LEU D 41 2.31 36.98 8.24
C LEU D 41 2.75 38.42 8.42
N VAL D 42 4.05 38.61 8.62
CA VAL D 42 4.62 39.93 8.86
C VAL D 42 5.78 40.13 7.90
N GLU D 43 5.78 41.27 7.20
CA GLU D 43 6.84 41.63 6.27
C GLU D 43 7.71 42.72 6.90
N SER D 44 9.00 42.69 6.55
CA SER D 44 9.96 43.64 7.10
C SER D 44 10.87 44.13 5.97
N GLY D 45 11.43 45.31 6.18
CA GLY D 45 12.30 45.92 5.19
C GLY D 45 11.86 47.32 4.80
N GLY D 46 11.84 47.61 3.50
CA GLY D 46 11.37 48.89 3.04
C GLY D 46 12.34 50.02 3.35
N GLY D 47 11.84 51.24 3.19
CA GLY D 47 12.64 52.43 3.42
C GLY D 47 12.93 53.18 2.14
N LEU D 48 13.90 54.09 2.25
CA LEU D 48 14.32 54.92 1.12
C LEU D 48 15.61 54.38 0.54
N VAL D 49 15.62 54.15 -0.77
CA VAL D 49 16.75 53.57 -1.47
C VAL D 49 17.14 54.50 -2.61
N GLN D 50 18.43 54.78 -2.73
CA GLN D 50 18.92 55.56 -3.86
C GLN D 50 18.82 54.74 -5.14
N PRO D 51 18.63 55.39 -6.29
CA PRO D 51 18.50 54.65 -7.55
C PRO D 51 19.74 53.83 -7.85
N GLY D 52 19.52 52.64 -8.42
CA GLY D 52 20.60 51.73 -8.72
C GLY D 52 21.10 50.90 -7.55
N GLY D 53 20.50 51.04 -6.37
CA GLY D 53 20.91 50.31 -5.20
C GLY D 53 20.25 48.94 -5.13
N SER D 54 20.39 48.33 -3.95
CA SER D 54 19.83 47.01 -3.70
C SER D 54 19.19 46.97 -2.32
N ARG D 55 18.18 46.10 -2.18
CA ARG D 55 17.48 45.94 -0.90
C ARG D 55 16.82 44.58 -0.88
N LYS D 56 16.80 43.97 0.30
CA LYS D 56 16.26 42.62 0.49
C LYS D 56 15.06 42.68 1.41
N LEU D 57 13.94 42.08 0.96
CA LEU D 57 12.71 42.04 1.72
C LEU D 57 12.52 40.66 2.34
N SER D 58 11.89 40.63 3.51
CA SER D 58 11.67 39.41 4.26
C SER D 58 10.21 39.30 4.68
N CYS D 59 9.63 38.12 4.50
CA CYS D 59 8.28 37.81 4.96
C CYS D 59 8.37 36.68 5.96
N SER D 60 7.88 36.91 7.18
CA SER D 60 7.97 35.96 8.28
C SER D 60 6.58 35.41 8.58
N ALA D 61 6.44 34.09 8.49
CA ALA D 61 5.18 33.41 8.71
C ALA D 61 5.25 32.58 9.99
N SER D 62 4.21 32.68 10.81
CA SER D 62 4.16 31.94 12.08
C SER D 62 2.71 31.72 12.47
N GLY D 63 2.31 30.47 12.60
CA GLY D 63 0.96 30.11 12.97
C GLY D 63 0.33 29.04 12.11
N PHE D 64 1.02 28.48 11.13
CA PHE D 64 0.46 27.45 10.27
C PHE D 64 1.60 26.62 9.70
N ALA D 65 1.24 25.59 8.93
CA ALA D 65 2.22 24.69 8.32
C ALA D 65 2.81 25.37 7.09
N PHE D 66 3.77 26.26 7.35
CA PHE D 66 4.36 27.07 6.28
C PHE D 66 5.06 26.22 5.22
N SER D 67 5.49 25.00 5.57
CA SER D 67 6.22 24.15 4.64
C SER D 67 5.31 23.47 3.61
N SER D 68 4.02 23.78 3.60
CA SER D 68 3.09 23.17 2.65
C SER D 68 2.37 24.18 1.78
N PHE D 69 2.70 25.46 1.87
CA PHE D 69 2.01 26.51 1.14
C PHE D 69 2.95 27.13 0.10
N GLY D 70 2.42 27.36 -1.10
CA GLY D 70 3.11 28.20 -2.05
C GLY D 70 3.12 29.65 -1.61
N MET D 71 4.01 30.43 -2.20
CA MET D 71 4.19 31.82 -1.81
C MET D 71 4.24 32.72 -3.03
N HIS D 72 3.58 33.87 -2.92
CA HIS D 72 3.57 34.87 -3.98
C HIS D 72 3.97 36.22 -3.41
N TRP D 73 4.43 37.10 -4.28
CA TRP D 73 4.63 38.51 -3.98
C TRP D 73 3.75 39.33 -4.91
N VAL D 74 2.97 40.24 -4.34
CA VAL D 74 2.03 41.06 -5.11
C VAL D 74 2.28 42.52 -4.77
N ARG D 75 2.31 43.37 -5.79
CA ARG D 75 2.65 44.77 -5.65
C ARG D 75 1.44 45.65 -5.94
N GLN D 76 1.30 46.72 -5.16
CA GLN D 76 0.22 47.70 -5.34
C GLN D 76 0.84 49.07 -5.56
N ALA D 77 0.65 49.63 -6.74
CA ALA D 77 1.15 50.96 -7.03
C ALA D 77 0.43 51.98 -6.15
N PRO D 78 1.06 53.13 -5.87
CA PRO D 78 0.46 54.09 -4.94
C PRO D 78 -0.94 54.56 -5.34
N GLU D 79 -1.24 54.65 -6.64
CA GLU D 79 -2.55 55.09 -7.09
C GLU D 79 -3.13 54.20 -8.18
N LYS D 80 -2.61 52.99 -8.37
CA LYS D 80 -3.09 52.09 -9.40
C LYS D 80 -3.55 50.78 -8.76
N GLY D 81 -3.89 49.80 -9.61
CA GLY D 81 -4.33 48.51 -9.15
C GLY D 81 -3.18 47.61 -8.73
N LEU D 82 -3.54 46.38 -8.38
CA LEU D 82 -2.57 45.41 -7.91
C LEU D 82 -1.76 44.85 -9.07
N GLU D 83 -0.62 44.24 -8.74
CA GLU D 83 0.25 43.66 -9.76
C GLU D 83 1.04 42.52 -9.14
N TRP D 84 1.24 41.46 -9.94
CA TRP D 84 1.93 40.26 -9.50
C TRP D 84 3.42 40.35 -9.82
N VAL D 85 4.24 39.71 -8.98
CA VAL D 85 5.69 39.85 -9.07
C VAL D 85 6.37 38.51 -9.30
N ALA D 86 6.23 37.58 -8.35
CA ALA D 86 6.99 36.33 -8.41
C ALA D 86 6.17 35.21 -7.76
N TYR D 87 6.74 34.01 -7.76
CA TYR D 87 6.07 32.83 -7.24
C TYR D 87 7.05 31.69 -6.99
N ILE D 88 6.95 31.03 -5.85
CA ILE D 88 7.77 29.87 -5.51
C ILE D 88 6.87 28.78 -4.92
N SER D 89 7.05 27.54 -5.38
CA SER D 89 6.16 26.46 -5.00
C SER D 89 6.52 25.94 -3.60
N SER D 90 5.85 24.88 -3.18
CA SER D 90 6.04 24.36 -1.82
C SER D 90 7.41 23.73 -1.66
N GLY D 91 7.81 22.88 -2.59
CA GLY D 91 9.08 22.19 -2.54
C GLY D 91 10.22 22.88 -3.28
N SER D 92 10.04 24.14 -3.65
CA SER D 92 11.05 24.93 -4.36
C SER D 92 11.40 24.33 -5.72
N GLY D 93 10.54 23.47 -6.27
CA GLY D 93 10.79 22.85 -7.55
C GLY D 93 10.32 23.61 -8.76
N THR D 94 9.66 24.75 -8.56
CA THR D 94 9.15 25.55 -9.67
C THR D 94 9.13 27.01 -9.27
N ILE D 95 9.64 27.87 -10.15
CA ILE D 95 9.69 29.30 -9.91
C ILE D 95 9.28 30.03 -11.19
N TYR D 96 8.44 31.04 -11.05
CA TYR D 96 8.03 31.89 -12.15
C TYR D 96 8.30 33.35 -11.80
N TYR D 97 8.49 34.17 -12.83
CA TYR D 97 8.77 35.58 -12.66
C TYR D 97 7.91 36.38 -13.63
N ALA D 98 7.65 37.64 -13.26
CA ALA D 98 6.94 38.54 -14.16
C ALA D 98 7.84 38.96 -15.31
N ASP D 99 7.21 39.15 -16.49
CA ASP D 99 7.97 39.63 -17.64
C ASP D 99 8.52 41.03 -17.42
N THR D 100 7.90 41.83 -16.56
CA THR D 100 8.41 43.15 -16.25
C THR D 100 9.76 43.06 -15.54
N VAL D 101 9.89 42.15 -14.59
CA VAL D 101 11.10 42.00 -13.79
C VAL D 101 11.47 40.52 -13.74
N LYS D 102 12.56 40.15 -14.42
CA LYS D 102 12.97 38.76 -14.48
C LYS D 102 14.44 38.59 -14.10
N GLY D 103 15.27 39.56 -14.48
CA GLY D 103 16.70 39.43 -14.27
C GLY D 103 17.22 40.15 -13.04
N ARG D 104 16.39 40.95 -12.38
CA ARG D 104 16.82 41.78 -11.28
C ARG D 104 16.31 41.33 -9.91
N PHE D 105 15.27 40.52 -9.86
CA PHE D 105 14.69 40.07 -8.60
C PHE D 105 15.02 38.60 -8.34
N THR D 106 15.05 38.24 -7.07
CA THR D 106 15.37 36.88 -6.66
C THR D 106 14.55 36.51 -5.43
N ILE D 107 13.92 35.34 -5.46
CA ILE D 107 13.13 34.84 -4.35
C ILE D 107 13.83 33.62 -3.75
N SER D 108 13.62 33.43 -2.45
CA SER D 108 14.19 32.28 -1.74
C SER D 108 13.39 32.05 -0.47
N ARG D 109 13.31 30.79 -0.07
CA ARG D 109 12.57 30.40 1.12
C ARG D 109 13.45 29.53 2.01
N ASP D 110 13.20 29.62 3.32
CA ASP D 110 13.96 28.86 4.33
C ASP D 110 12.95 28.20 5.26
N ASP D 111 12.61 26.94 4.97
CA ASP D 111 11.58 26.21 5.70
C ASP D 111 11.91 26.02 7.17
N PRO D 112 13.15 25.64 7.54
CA PRO D 112 13.45 25.49 8.98
C PRO D 112 13.17 26.73 9.80
N LYS D 113 13.45 27.92 9.26
CA LYS D 113 13.22 29.16 9.98
C LYS D 113 11.87 29.79 9.70
N ASN D 114 11.10 29.24 8.77
CA ASN D 114 9.79 29.76 8.39
C ASN D 114 9.88 31.24 8.00
N THR D 115 10.65 31.49 6.94
CA THR D 115 10.88 32.85 6.49
C THR D 115 10.97 32.86 4.97
N LEU D 116 10.45 33.92 4.36
CA LEU D 116 10.47 34.11 2.92
C LEU D 116 11.27 35.38 2.60
N PHE D 117 12.05 35.33 1.52
CA PHE D 117 12.95 36.41 1.17
C PHE D 117 12.71 36.88 -0.26
N LEU D 118 12.97 38.16 -0.50
CA LEU D 118 12.97 38.75 -1.83
C LEU D 118 14.23 39.59 -1.97
N GLN D 119 14.98 39.37 -3.05
CA GLN D 119 16.22 40.07 -3.31
C GLN D 119 16.03 41.00 -4.51
N MET D 120 16.37 42.26 -4.33
CA MET D 120 16.18 43.29 -5.35
C MET D 120 17.49 43.99 -5.62
N THR D 121 17.84 44.14 -6.89
CA THR D 121 19.07 44.81 -7.29
C THR D 121 18.78 45.80 -8.41
N SER D 122 19.54 46.90 -8.42
CA SER D 122 19.44 47.94 -9.43
C SER D 122 18.01 48.50 -9.51
N LEU D 123 17.60 49.15 -8.42
CA LEU D 123 16.24 49.63 -8.30
C LEU D 123 15.98 50.76 -9.30
N ARG D 124 15.01 50.56 -10.18
CA ARG D 124 14.59 51.58 -11.14
C ARG D 124 13.67 52.57 -10.45
N SER D 125 13.06 53.46 -11.24
CA SER D 125 12.13 54.44 -10.70
C SER D 125 10.69 53.94 -10.66
N GLU D 126 10.41 52.78 -11.24
CA GLU D 126 9.06 52.21 -11.21
C GLU D 126 8.81 51.36 -9.98
N ASP D 127 9.85 50.81 -9.36
CA ASP D 127 9.72 49.98 -8.17
C ASP D 127 9.64 50.88 -6.93
N THR D 128 8.51 51.57 -6.80
CA THR D 128 8.26 52.52 -5.74
C THR D 128 6.89 52.29 -5.11
N ALA D 129 6.56 51.02 -4.88
CA ALA D 129 5.22 50.66 -4.41
C ALA D 129 5.27 49.80 -3.15
N MET D 130 4.12 49.27 -2.75
CA MET D 130 4.00 48.42 -1.57
C MET D 130 3.88 46.96 -1.98
N TYR D 131 4.54 46.09 -1.23
CA TYR D 131 4.65 44.68 -1.57
C TYR D 131 3.92 43.83 -0.54
N TYR D 132 3.22 42.79 -1.03
CA TYR D 132 2.41 41.92 -0.18
C TYR D 132 2.91 40.49 -0.24
N CYS D 133 2.64 39.75 0.82
CA CYS D 133 3.06 38.35 0.98
C CYS D 133 1.79 37.51 1.12
N VAL D 134 1.61 36.54 0.22
CA VAL D 134 0.35 35.83 0.06
C VAL D 134 0.59 34.33 0.11
N ARG D 135 -0.29 33.61 0.80
CA ARG D 135 -0.27 32.16 0.84
C ARG D 135 -1.04 31.57 -0.33
N SER D 136 -0.80 30.28 -0.58
CA SER D 136 -1.52 29.55 -1.62
C SER D 136 -1.29 28.05 -1.49
N ILE D 137 -2.37 27.28 -1.52
CA ILE D 137 -2.29 25.82 -1.46
C ILE D 137 -3.13 25.25 -2.58
N TYR D 138 -2.62 24.19 -3.24
CA TYR D 138 -3.25 23.64 -4.43
C TYR D 138 -3.47 22.14 -4.25
N TYR D 139 -4.73 21.74 -4.12
CA TYR D 139 -5.17 20.36 -4.32
C TYR D 139 -6.64 20.41 -4.70
N TYR D 140 -7.26 19.23 -4.84
CA TYR D 140 -8.64 19.19 -5.29
C TYR D 140 -9.55 19.80 -4.25
N GLY D 141 -10.08 20.99 -4.53
CA GLY D 141 -11.04 21.63 -3.67
C GLY D 141 -10.49 22.70 -2.75
N SER D 142 -9.24 23.10 -2.91
CA SER D 142 -8.64 24.09 -2.02
C SER D 142 -9.08 25.50 -2.42
N SER D 143 -8.67 26.48 -1.61
CA SER D 143 -9.00 27.89 -1.84
C SER D 143 -7.71 28.70 -1.81
N PRO D 144 -7.07 28.89 -2.97
CA PRO D 144 -5.82 29.67 -3.01
C PRO D 144 -6.07 31.15 -2.75
N PHE D 145 -4.96 31.85 -2.48
CA PHE D 145 -4.97 33.30 -2.27
C PHE D 145 -5.92 33.71 -1.14
N ASP D 146 -5.92 32.93 -0.06
CA ASP D 146 -6.89 33.14 1.01
C ASP D 146 -6.43 34.13 2.06
N PHE D 147 -5.14 34.18 2.37
CA PHE D 147 -4.62 35.04 3.42
C PHE D 147 -3.57 35.98 2.86
N TRP D 148 -3.68 37.27 3.18
CA TRP D 148 -2.75 38.29 2.72
C TRP D 148 -2.05 38.91 3.92
N GLY D 149 -0.81 39.35 3.70
CA GLY D 149 -0.02 39.98 4.73
C GLY D 149 -0.37 41.44 4.90
N GLN D 150 0.45 42.11 5.71
CA GLN D 150 0.24 43.53 5.99
C GLN D 150 0.93 44.44 4.98
N GLY D 151 2.11 44.06 4.49
CA GLY D 151 2.80 44.82 3.47
C GLY D 151 3.71 45.88 4.05
N THR D 152 4.73 46.23 3.25
CA THR D 152 5.69 47.27 3.61
C THR D 152 5.87 48.21 2.41
N THR D 153 6.16 49.47 2.72
CA THR D 153 6.31 50.49 1.69
C THR D 153 7.78 50.63 1.28
N LEU D 154 7.98 50.97 0.01
CA LEU D 154 9.31 51.15 -0.55
C LEU D 154 9.28 52.34 -1.50
N THR D 155 10.10 53.35 -1.22
CA THR D 155 10.16 54.56 -2.03
C THR D 155 11.53 54.68 -2.66
N VAL D 156 11.56 54.98 -3.96
CA VAL D 156 12.79 55.16 -4.71
C VAL D 156 12.81 56.60 -5.24
N SER D 157 13.88 57.32 -4.92
CA SER D 157 14.00 58.70 -5.37
C SER D 157 14.25 58.76 -6.87
N ALA D 158 13.94 59.91 -7.46
CA ALA D 158 14.12 60.11 -8.89
C ALA D 158 15.31 61.02 -9.17
N SER D 173 1.30 41.42 -24.27
CA SER D 173 1.64 40.71 -25.50
C SER D 173 0.82 39.43 -25.64
N ALA D 174 1.37 38.32 -25.15
CA ALA D 174 0.70 37.03 -25.22
C ALA D 174 -0.14 36.73 -23.98
N ASP D 175 -0.23 37.67 -23.05
CA ASP D 175 -1.00 37.46 -21.83
C ASP D 175 -2.43 37.96 -21.98
N ILE D 176 -3.27 37.58 -21.01
CA ILE D 176 -4.67 37.94 -21.01
C ILE D 176 -4.86 39.23 -20.23
N VAL D 177 -5.62 40.16 -20.80
CA VAL D 177 -5.88 41.46 -20.18
C VAL D 177 -7.31 41.45 -19.64
N MET D 178 -7.46 41.91 -18.40
CA MET D 178 -8.76 41.98 -17.75
C MET D 178 -9.15 43.44 -17.55
N THR D 179 -10.35 43.80 -18.02
CA THR D 179 -10.83 45.17 -17.95
C THR D 179 -12.11 45.25 -17.15
N GLN D 180 -12.19 46.21 -16.25
CA GLN D 180 -13.39 46.48 -15.47
C GLN D 180 -14.15 47.63 -16.12
N ALA D 181 -15.40 47.38 -16.50
CA ALA D 181 -16.15 48.34 -17.31
C ALA D 181 -16.36 49.65 -16.58
N THR D 182 -16.71 49.59 -15.30
CA THR D 182 -17.03 50.78 -14.52
C THR D 182 -15.99 50.99 -13.44
N SER D 183 -15.68 52.26 -13.16
CA SER D 183 -14.70 52.63 -12.17
C SER D 183 -15.30 53.06 -10.83
N SER D 184 -16.57 53.46 -10.81
CA SER D 184 -17.23 53.88 -9.58
C SER D 184 -18.73 53.92 -9.79
N VAL D 185 -19.48 53.46 -8.79
CA VAL D 185 -20.94 53.48 -8.85
C VAL D 185 -21.50 54.01 -7.54
N PRO D 186 -22.61 54.75 -7.56
CA PRO D 186 -23.29 55.11 -6.31
C PRO D 186 -24.36 54.10 -5.95
N VAL D 187 -24.44 53.78 -4.66
CA VAL D 187 -25.32 52.72 -4.15
C VAL D 187 -26.03 53.25 -2.90
N THR D 188 -26.98 52.45 -2.41
CA THR D 188 -27.81 52.77 -1.27
C THR D 188 -27.70 51.67 -0.21
N PRO D 189 -27.61 52.03 1.07
CA PRO D 189 -27.47 51.00 2.12
C PRO D 189 -28.73 50.18 2.33
N GLY D 190 -28.92 49.16 1.49
CA GLY D 190 -30.09 48.30 1.60
C GLY D 190 -30.61 47.81 0.27
N GLU D 191 -30.07 48.32 -0.82
CA GLU D 191 -30.48 47.94 -2.16
C GLU D 191 -29.52 46.91 -2.74
N SER D 192 -29.82 46.47 -3.96
CA SER D 192 -29.01 45.47 -4.65
C SER D 192 -27.92 46.15 -5.47
N VAL D 193 -26.77 45.50 -5.55
CA VAL D 193 -25.60 46.04 -6.24
C VAL D 193 -25.09 45.00 -7.22
N SER D 194 -24.52 45.46 -8.33
CA SER D 194 -23.94 44.57 -9.33
C SER D 194 -22.67 45.19 -9.89
N ILE D 195 -21.63 44.37 -10.01
CA ILE D 195 -20.34 44.77 -10.55
C ILE D 195 -19.94 43.77 -11.62
N SER D 196 -19.45 44.26 -12.75
CA SER D 196 -19.14 43.42 -13.90
C SER D 196 -17.65 43.44 -14.20
N CYS D 197 -17.18 42.36 -14.85
CA CYS D 197 -15.79 42.20 -15.24
C CYS D 197 -15.74 41.69 -16.67
N ARG D 198 -14.64 41.99 -17.36
CA ARG D 198 -14.46 41.61 -18.75
C ARG D 198 -13.10 40.97 -18.94
N SER D 199 -13.04 40.01 -19.86
CA SER D 199 -11.81 39.29 -20.17
C SER D 199 -11.58 39.28 -21.67
N SER D 200 -10.32 39.13 -22.06
CA SER D 200 -9.95 39.05 -23.47
C SER D 200 -9.85 37.63 -23.99
N LYS D 201 -9.99 36.63 -23.14
CA LYS D 201 -9.89 35.24 -23.54
C LYS D 201 -10.80 34.40 -22.64
N SER D 202 -11.31 33.31 -23.18
CA SER D 202 -12.22 32.44 -22.42
C SER D 202 -11.45 31.78 -21.28
N LEU D 203 -11.91 32.02 -20.05
CA LEU D 203 -11.29 31.43 -18.87
C LEU D 203 -11.76 30.00 -18.60
N LEU D 204 -12.84 29.56 -19.23
CA LEU D 204 -13.33 28.22 -19.02
C LEU D 204 -12.36 27.20 -19.62
N HIS D 205 -12.10 26.13 -18.88
CA HIS D 205 -11.14 25.11 -19.27
C HIS D 205 -11.87 23.83 -19.68
N SER D 206 -11.11 22.91 -20.26
CA SER D 206 -11.69 21.65 -20.72
C SER D 206 -12.20 20.80 -19.56
N ASN D 207 -11.50 20.81 -18.43
CA ASN D 207 -11.91 20.00 -17.30
C ASN D 207 -13.27 20.44 -16.76
N GLY D 208 -13.50 21.75 -16.71
CA GLY D 208 -14.79 22.26 -16.29
C GLY D 208 -14.72 23.44 -15.33
N ASN D 209 -13.51 23.91 -15.06
CA ASN D 209 -13.32 25.00 -14.11
C ASN D 209 -13.20 26.33 -14.83
N THR D 210 -13.68 27.38 -14.16
CA THR D 210 -13.58 28.76 -14.65
C THR D 210 -12.83 29.56 -13.59
N TYR D 211 -11.60 29.95 -13.91
CA TYR D 211 -10.68 30.52 -12.92
C TYR D 211 -10.87 32.02 -12.85
N LEU D 212 -11.77 32.47 -11.97
CA LEU D 212 -11.96 33.88 -11.70
C LEU D 212 -12.09 34.10 -10.20
N TYR D 213 -11.51 35.18 -9.71
CA TYR D 213 -11.47 35.49 -8.28
C TYR D 213 -11.96 36.91 -8.03
N TRP D 214 -12.52 37.13 -6.84
CA TRP D 214 -12.95 38.44 -6.39
C TRP D 214 -12.35 38.70 -5.02
N PHE D 215 -11.80 39.91 -4.82
CA PHE D 215 -11.03 40.21 -3.63
C PHE D 215 -11.70 41.25 -2.73
N LEU D 216 -12.05 42.42 -3.26
CA LEU D 216 -12.82 43.43 -2.53
C LEU D 216 -12.09 43.89 -1.25
N GLN D 217 -10.94 44.53 -1.47
CA GLN D 217 -10.20 45.10 -0.36
C GLN D 217 -10.92 46.33 0.18
N ARG D 218 -10.76 46.58 1.47
CA ARG D 218 -11.39 47.71 2.14
C ARG D 218 -10.43 48.90 2.18
N PRO D 219 -10.95 50.13 2.32
CA PRO D 219 -10.09 51.31 2.26
C PRO D 219 -9.24 51.51 3.50
N GLY D 220 -8.10 50.82 3.57
CA GLY D 220 -7.19 50.97 4.68
C GLY D 220 -6.68 49.65 5.21
N GLN D 221 -7.14 48.55 4.62
CA GLN D 221 -6.77 47.21 5.05
C GLN D 221 -6.24 46.42 3.88
N SER D 222 -5.62 45.29 4.18
CA SER D 222 -5.09 44.39 3.15
C SER D 222 -6.24 43.69 2.43
N PRO D 223 -6.01 43.27 1.19
CA PRO D 223 -7.07 42.58 0.44
C PRO D 223 -7.43 41.25 1.08
N GLN D 224 -8.68 40.85 0.87
CA GLN D 224 -9.17 39.55 1.33
C GLN D 224 -9.78 38.80 0.16
N LEU D 225 -10.35 37.62 0.40
CA LEU D 225 -10.92 36.79 -0.66
C LEU D 225 -12.41 36.63 -0.44
N LEU D 226 -13.19 36.90 -1.49
CA LEU D 226 -14.63 36.70 -1.47
C LEU D 226 -15.05 35.43 -2.20
N ILE D 227 -14.70 35.32 -3.48
CA ILE D 227 -15.15 34.22 -4.34
C ILE D 227 -13.93 33.67 -5.06
N TYR D 228 -13.85 32.33 -5.14
CA TYR D 228 -12.80 31.67 -5.89
C TYR D 228 -13.42 30.73 -6.90
N ARG D 229 -12.83 30.70 -8.10
CA ARG D 229 -13.34 29.93 -9.24
C ARG D 229 -14.75 30.35 -9.62
N MET D 230 -15.04 31.65 -9.45
CA MET D 230 -16.17 32.35 -10.04
C MET D 230 -17.51 32.00 -9.39
N SER D 231 -17.55 30.93 -8.59
CA SER D 231 -18.82 30.51 -8.00
C SER D 231 -18.77 30.20 -6.51
N ASN D 232 -17.63 29.82 -5.95
CA ASN D 232 -17.58 29.30 -4.60
C ASN D 232 -17.34 30.42 -3.59
N LEU D 233 -18.12 30.41 -2.52
CA LEU D 233 -17.99 31.42 -1.48
C LEU D 233 -16.83 31.08 -0.56
N ALA D 234 -16.24 32.12 0.03
CA ALA D 234 -15.12 31.95 0.94
C ALA D 234 -15.64 31.42 2.28
N SER D 235 -14.75 31.32 3.26
CA SER D 235 -15.11 30.68 4.53
C SER D 235 -15.85 31.63 5.45
N GLY D 236 -15.21 32.72 5.86
CA GLY D 236 -15.75 33.61 6.86
C GLY D 236 -16.53 34.79 6.35
N VAL D 237 -16.85 34.85 5.05
CA VAL D 237 -17.56 35.99 4.50
C VAL D 237 -19.06 35.77 4.65
N PRO D 238 -19.84 36.84 4.91
CA PRO D 238 -21.29 36.69 4.96
C PRO D 238 -21.84 36.12 3.66
N ASP D 239 -22.88 35.31 3.78
CA ASP D 239 -23.48 34.62 2.64
C ASP D 239 -24.54 35.47 1.94
N ARG D 240 -24.18 36.71 1.61
CA ARG D 240 -25.02 37.58 0.80
C ARG D 240 -24.34 37.99 -0.50
N PHE D 241 -23.15 37.47 -0.77
CA PHE D 241 -22.45 37.68 -2.02
C PHE D 241 -22.68 36.49 -2.96
N SER D 242 -22.56 36.74 -4.24
CA SER D 242 -22.73 35.68 -5.24
C SER D 242 -21.96 36.04 -6.49
N GLY D 243 -21.68 35.03 -7.30
CA GLY D 243 -20.96 35.24 -8.55
C GLY D 243 -21.52 34.35 -9.64
N SER D 244 -21.46 34.87 -10.86
CA SER D 244 -21.96 34.13 -12.03
C SER D 244 -21.30 34.70 -13.28
N GLY D 245 -21.32 33.91 -14.34
CA GLY D 245 -20.71 34.31 -15.59
C GLY D 245 -20.85 33.21 -16.63
N SER D 246 -20.25 33.46 -17.79
CA SER D 246 -20.32 32.54 -18.91
C SER D 246 -18.99 32.23 -19.56
N GLY D 247 -17.90 32.88 -19.15
CA GLY D 247 -16.60 32.60 -19.74
C GLY D 247 -15.83 33.85 -20.12
N THR D 248 -16.55 34.90 -20.51
CA THR D 248 -15.89 36.15 -20.88
C THR D 248 -16.54 37.32 -20.15
N ALA D 249 -17.82 37.18 -19.80
CA ALA D 249 -18.55 38.20 -19.06
C ALA D 249 -18.91 37.66 -17.68
N PHE D 250 -18.56 38.42 -16.64
CA PHE D 250 -18.76 38.00 -15.27
C PHE D 250 -19.39 39.12 -14.47
N THR D 251 -20.11 38.75 -13.41
CA THR D 251 -20.78 39.72 -12.56
C THR D 251 -20.74 39.28 -11.10
N LEU D 252 -20.68 40.27 -10.21
CA LEU D 252 -20.72 40.05 -8.77
C LEU D 252 -21.91 40.81 -8.21
N THR D 253 -22.75 40.12 -7.45
CA THR D 253 -23.99 40.68 -6.94
C THR D 253 -24.00 40.65 -5.42
N ILE D 254 -24.55 41.69 -4.81
CA ILE D 254 -24.74 41.78 -3.37
C ILE D 254 -26.21 42.09 -3.12
N SER D 255 -26.87 41.26 -2.31
CA SER D 255 -28.30 41.43 -2.10
C SER D 255 -28.60 42.61 -1.18
N ARG D 256 -28.13 42.54 0.06
CA ARG D 256 -28.29 43.64 1.01
C ARG D 256 -27.09 44.57 0.87
N LEU D 257 -26.93 45.50 1.82
CA LEU D 257 -25.72 46.33 1.86
C LEU D 257 -25.55 46.82 3.28
N GLU D 258 -24.29 46.93 3.70
CA GLU D 258 -23.95 47.36 5.05
C GLU D 258 -22.74 48.28 4.95
N ALA D 259 -22.47 49.01 6.03
CA ALA D 259 -21.40 50.00 6.03
C ALA D 259 -20.02 49.38 5.89
N GLU D 260 -19.89 48.06 6.05
CA GLU D 260 -18.61 47.38 5.91
C GLU D 260 -18.28 46.98 4.48
N ASP D 261 -19.22 47.16 3.55
CA ASP D 261 -19.01 46.77 2.15
C ASP D 261 -18.31 47.85 1.34
N VAL D 262 -17.99 48.99 1.94
CA VAL D 262 -17.31 50.06 1.21
C VAL D 262 -15.88 49.65 0.92
N GLY D 263 -15.45 49.84 -0.32
CA GLY D 263 -14.10 49.51 -0.72
C GLY D 263 -14.00 49.40 -2.23
N VAL D 264 -12.89 48.82 -2.68
CA VAL D 264 -12.61 48.64 -4.09
C VAL D 264 -12.61 47.14 -4.39
N TYR D 265 -13.20 46.77 -5.53
CA TYR D 265 -13.39 45.38 -5.91
C TYR D 265 -12.51 45.06 -7.10
N TYR D 266 -11.78 43.95 -7.03
CA TYR D 266 -10.81 43.58 -8.04
C TYR D 266 -11.20 42.27 -8.72
N CYS D 267 -10.59 42.03 -9.88
CA CYS D 267 -10.92 40.91 -10.75
C CYS D 267 -9.63 40.31 -11.27
N MET D 268 -9.36 39.06 -10.92
CA MET D 268 -8.09 38.42 -11.25
C MET D 268 -8.36 37.10 -11.96
N GLN D 269 -7.41 36.71 -12.81
CA GLN D 269 -7.46 35.45 -13.55
C GLN D 269 -6.35 34.53 -13.07
N HIS D 270 -6.58 33.22 -13.24
CA HIS D 270 -5.59 32.23 -12.83
C HIS D 270 -5.49 31.09 -13.85
N LEU D 271 -5.78 31.39 -15.13
CA LEU D 271 -5.72 30.35 -16.15
C LEU D 271 -4.29 30.03 -16.55
N GLU D 272 -3.43 31.05 -16.64
CA GLU D 272 -2.03 30.84 -17.01
C GLU D 272 -1.22 32.05 -16.56
N TYR D 273 0.09 31.84 -16.46
CA TYR D 273 0.99 32.89 -16.02
C TYR D 273 1.35 33.80 -17.19
N PRO D 274 1.57 35.10 -16.93
CA PRO D 274 1.48 35.78 -15.63
C PRO D 274 0.05 36.06 -15.19
N LEU D 275 -0.13 36.34 -13.90
CA LEU D 275 -1.44 36.64 -13.35
C LEU D 275 -1.72 38.13 -13.51
N THR D 276 -2.84 38.46 -14.18
CA THR D 276 -3.19 39.84 -14.48
C THR D 276 -4.43 40.24 -13.71
N PHE D 277 -4.33 41.37 -13.00
CA PHE D 277 -5.41 41.87 -12.18
C PHE D 277 -6.34 42.76 -13.02
N GLY D 278 -7.28 43.42 -12.36
CA GLY D 278 -8.16 44.37 -13.00
C GLY D 278 -7.76 45.80 -12.70
N ALA D 279 -8.72 46.70 -12.79
CA ALA D 279 -8.50 48.11 -12.53
C ALA D 279 -9.12 48.58 -11.22
N GLY D 280 -10.29 48.08 -10.85
CA GLY D 280 -10.94 48.47 -9.62
C GLY D 280 -12.30 49.09 -9.83
N THR D 281 -13.16 49.03 -8.81
CA THR D 281 -14.49 49.63 -8.88
C THR D 281 -14.86 50.10 -7.47
N LYS D 282 -14.62 51.38 -7.20
CA LYS D 282 -14.89 51.93 -5.89
C LYS D 282 -16.39 52.16 -5.69
N LEU D 283 -16.85 51.92 -4.46
CA LEU D 283 -18.22 52.20 -4.07
C LEU D 283 -18.21 53.27 -2.98
N GLU D 284 -18.95 54.35 -3.21
CA GLU D 284 -19.03 55.47 -2.28
C GLU D 284 -20.39 55.51 -1.64
N LEU D 285 -20.43 55.70 -0.33
CA LEU D 285 -21.69 55.81 0.41
C LEU D 285 -21.80 57.18 1.07
N SER E 8 -29.05 -16.74 38.17
CA SER E 8 -29.05 -16.63 36.72
C SER E 8 -30.47 -16.49 36.18
N ILE E 9 -31.42 -16.24 37.08
CA ILE E 9 -32.81 -16.05 36.67
C ILE E 9 -32.99 -14.76 35.88
N ALA E 10 -32.11 -13.78 36.08
CA ALA E 10 -32.22 -12.53 35.35
C ALA E 10 -32.04 -12.74 33.84
N GLN E 11 -31.08 -13.59 33.46
CA GLN E 11 -30.88 -13.87 32.04
C GLN E 11 -32.09 -14.56 31.44
N ALA E 12 -32.67 -15.52 32.15
CA ALA E 12 -33.86 -16.20 31.64
C ALA E 12 -35.03 -15.24 31.51
N ARG E 13 -35.22 -14.38 32.50
CA ARG E 13 -36.30 -13.40 32.44
C ARG E 13 -36.11 -12.44 31.26
N LYS E 14 -34.88 -11.96 31.06
CA LYS E 14 -34.61 -11.07 29.94
C LYS E 14 -34.86 -11.77 28.61
N LEU E 15 -34.42 -13.03 28.49
CA LEU E 15 -34.61 -13.77 27.25
C LEU E 15 -36.08 -14.00 26.95
N VAL E 16 -36.87 -14.38 27.96
CA VAL E 16 -38.29 -14.63 27.72
C VAL E 16 -39.02 -13.34 27.42
N GLU E 17 -38.62 -12.23 28.07
CA GLU E 17 -39.23 -10.95 27.77
C GLU E 17 -38.93 -10.50 26.34
N GLN E 18 -37.68 -10.69 25.90
CA GLN E 18 -37.33 -10.34 24.52
C GLN E 18 -38.07 -11.23 23.52
N LEU E 19 -38.22 -12.51 23.84
CA LEU E 19 -38.99 -13.39 22.97
C LEU E 19 -40.45 -12.95 22.88
N LYS E 20 -41.03 -12.55 24.01
CA LYS E 20 -42.41 -12.06 23.99
C LYS E 20 -42.52 -10.78 23.17
N MET E 21 -41.54 -9.88 23.30
CA MET E 21 -41.56 -8.65 22.51
C MET E 21 -41.47 -8.94 21.02
N GLU E 22 -40.60 -9.85 20.60
CA GLU E 22 -40.49 -10.11 19.19
C GLU E 22 -41.52 -11.07 18.66
N ALA E 23 -42.30 -11.70 19.52
CA ALA E 23 -43.31 -12.62 19.03
C ALA E 23 -44.46 -11.89 18.34
N ASN E 24 -44.86 -10.73 18.85
CA ASN E 24 -46.07 -10.04 18.37
C ASN E 24 -45.65 -8.91 17.43
N ILE E 25 -45.46 -9.27 16.16
CA ILE E 25 -45.18 -8.31 15.09
C ILE E 25 -45.99 -8.70 13.87
N ASP E 26 -46.53 -7.71 13.18
CA ASP E 26 -47.29 -7.96 11.96
C ASP E 26 -46.37 -8.44 10.85
N ARG E 27 -46.86 -9.38 10.05
CA ARG E 27 -46.10 -9.96 8.96
C ARG E 27 -46.96 -10.03 7.71
N ILE E 28 -46.30 -10.09 6.55
CA ILE E 28 -46.99 -10.05 5.27
C ILE E 28 -46.67 -11.30 4.46
N LYS E 29 -47.21 -11.37 3.25
CA LYS E 29 -47.04 -12.52 2.38
C LYS E 29 -45.74 -12.38 1.58
N VAL E 30 -45.08 -13.52 1.33
CA VAL E 30 -43.79 -13.49 0.63
C VAL E 30 -43.97 -13.03 -0.81
N SER E 31 -45.07 -13.42 -1.45
CA SER E 31 -45.28 -13.03 -2.84
C SER E 31 -45.38 -11.51 -2.99
N LYS E 32 -46.02 -10.84 -2.03
CA LYS E 32 -46.08 -9.38 -2.07
C LYS E 32 -44.69 -8.77 -1.98
N ALA E 33 -43.84 -9.31 -1.09
CA ALA E 33 -42.49 -8.80 -0.97
C ALA E 33 -41.69 -9.01 -2.26
N ALA E 34 -41.82 -10.19 -2.87
CA ALA E 34 -41.14 -10.45 -4.13
C ALA E 34 -41.62 -9.51 -5.21
N ALA E 35 -42.92 -9.25 -5.27
CA ALA E 35 -43.47 -8.33 -6.26
C ALA E 35 -42.94 -6.92 -6.03
N ASP E 36 -42.84 -6.49 -4.78
CA ASP E 36 -42.29 -5.17 -4.48
C ASP E 36 -40.83 -5.06 -4.92
N LEU E 37 -40.04 -6.09 -4.64
CA LEU E 37 -38.65 -6.08 -5.07
C LEU E 37 -38.53 -6.02 -6.59
N MET E 38 -39.34 -6.82 -7.28
CA MET E 38 -39.33 -6.81 -8.74
C MET E 38 -39.72 -5.44 -9.29
N ALA E 39 -40.75 -4.83 -8.70
CA ALA E 39 -41.19 -3.52 -9.15
C ALA E 39 -40.11 -2.47 -8.96
N TYR E 40 -39.44 -2.48 -7.80
CA TYR E 40 -38.38 -1.51 -7.58
C TYR E 40 -37.21 -1.73 -8.53
N CYS E 41 -36.86 -2.99 -8.78
CA CYS E 41 -35.76 -3.26 -9.71
C CYS E 41 -36.11 -2.80 -11.13
N GLU E 42 -37.35 -3.03 -11.57
CA GLU E 42 -37.74 -2.66 -12.92
C GLU E 42 -37.86 -1.14 -13.07
N ALA E 43 -38.32 -0.45 -12.02
CA ALA E 43 -38.58 0.97 -12.13
C ALA E 43 -37.30 1.77 -12.38
N HIS E 44 -36.21 1.41 -11.71
CA HIS E 44 -34.97 2.18 -11.75
C HIS E 44 -33.91 1.52 -12.62
N ALA E 45 -34.31 0.80 -13.67
CA ALA E 45 -33.36 0.09 -14.50
C ALA E 45 -32.58 1.01 -15.44
N LYS E 46 -33.08 2.21 -15.70
CA LYS E 46 -32.46 3.12 -16.66
C LYS E 46 -31.39 4.01 -16.03
N GLU E 47 -31.24 3.98 -14.71
CA GLU E 47 -30.28 4.84 -14.02
C GLU E 47 -29.12 4.04 -13.44
N ASP E 48 -28.83 2.86 -13.99
CA ASP E 48 -27.74 2.02 -13.49
C ASP E 48 -26.64 1.92 -14.53
N PRO E 49 -25.57 2.69 -14.42
CA PRO E 49 -24.47 2.58 -15.40
C PRO E 49 -23.84 1.20 -15.44
N LEU E 50 -23.80 0.49 -14.31
CA LEU E 50 -23.23 -0.86 -14.32
C LEU E 50 -24.12 -1.84 -15.07
N LEU E 51 -25.44 -1.72 -14.90
CA LEU E 51 -26.36 -2.63 -15.56
C LEU E 51 -26.33 -2.45 -17.07
N THR E 52 -26.58 -1.22 -17.54
CA THR E 52 -26.50 -0.91 -18.96
C THR E 52 -25.28 -0.03 -19.21
N PRO E 53 -24.34 -0.47 -20.05
CA PRO E 53 -23.15 0.33 -20.31
C PRO E 53 -23.49 1.71 -20.85
N VAL E 54 -22.70 2.70 -20.45
CA VAL E 54 -22.84 4.07 -20.93
C VAL E 54 -21.84 4.28 -22.06
N PRO E 55 -22.20 5.02 -23.11
CA PRO E 55 -21.22 5.31 -24.17
C PRO E 55 -20.03 6.08 -23.63
N ALA E 56 -18.87 5.89 -24.26
CA ALA E 56 -17.62 6.42 -23.73
C ALA E 56 -17.48 7.91 -24.03
N SER E 57 -18.50 8.68 -23.68
CA SER E 57 -18.45 10.13 -23.77
C SER E 57 -18.98 10.83 -22.53
N GLU E 58 -19.78 10.12 -21.78
CA GLU E 58 -20.40 10.64 -20.62
C GLU E 58 -19.74 10.21 -19.36
N ASN E 59 -18.87 9.23 -19.43
CA ASN E 59 -18.25 8.73 -18.22
C ASN E 59 -16.90 9.39 -17.98
N PRO E 60 -16.49 9.55 -16.73
CA PRO E 60 -15.22 10.20 -16.42
C PRO E 60 -14.03 9.27 -16.30
N PHE E 61 -14.23 7.95 -16.37
CA PHE E 61 -13.17 6.97 -16.24
C PHE E 61 -12.76 6.39 -17.59
N ARG E 62 -12.81 7.20 -18.64
CA ARG E 62 -12.42 6.74 -19.97
C ARG E 62 -10.92 6.48 -20.03
N GLU E 63 -10.50 5.81 -21.10
CA GLU E 63 -9.12 5.41 -21.30
C GLU E 63 -8.62 4.53 -20.16
#